data_8ON5
#
_entry.id   8ON5
#
_cell.length_a   67.458
_cell.length_b   53.536
_cell.length_c   220.660
_cell.angle_alpha   90.00
_cell.angle_beta   95.65
_cell.angle_gamma   90.00
#
_symmetry.space_group_name_H-M   'P 1 21 1'
#
loop_
_entity.id
_entity.type
_entity.pdbx_description
1 polymer 'Adenoviral fiber protein'
2 non-polymer (4S)-2-METHYL-2,4-PENTANEDIOL
3 non-polymer 1,2-ETHANEDIOL
4 non-polymer 'UNKNOWN ATOM OR ION'
5 water water
#
_entity_poly.entity_id   1
_entity_poly.type   'polypeptide(L)'
_entity_poly.pdbx_seq_one_letter_code
;MDNKNNKPTDQEILKTSRAVGEIPSADNLKNRFKARSIPLETDFTNLIDLAEVGRLAIGQSPSQQSKTPGTGMELTSDGK
LQVKAGAGVDIDNNNRITIKSGHGIKVDGNGISVKPGSGIKVDSNGVNVNIDDFWEEIRNKIMPKGTMLPIYGTPNPSAL
PTGWEWCDGKDGRPNLKKGKYNLLSGQSSGTDTFWADNKNGDTEINVLFVYYMIKVV
;
_entity_poly.pdbx_strand_id   A,B,C,D,E,F
#
loop_
_chem_comp.id
_chem_comp.type
_chem_comp.name
_chem_comp.formula
EDO non-polymer 1,2-ETHANEDIOL 'C2 H6 O2'
MPD non-polymer (4S)-2-METHYL-2,4-PENTANEDIOL 'C6 H14 O2'
UNX non-polymer 'UNKNOWN ATOM OR ION' ?
#
# COMPACT_ATOMS: atom_id res chain seq x y z
N ARG A 18 14.27 20.82 -7.31
CA ARG A 18 15.00 20.20 -6.17
C ARG A 18 16.49 20.04 -6.50
N ALA A 19 17.34 20.49 -5.56
CA ALA A 19 18.78 20.22 -5.58
C ALA A 19 19.05 18.72 -5.64
N VAL A 20 19.68 18.29 -6.75
CA VAL A 20 19.86 16.89 -7.07
CA VAL A 20 19.87 16.89 -7.08
C VAL A 20 20.83 16.24 -6.09
N GLY A 21 21.53 17.06 -5.29
CA GLY A 21 22.51 16.55 -4.34
C GLY A 21 21.88 16.03 -3.05
N GLU A 22 20.64 16.48 -2.79
CA GLU A 22 19.89 16.07 -1.60
C GLU A 22 19.37 14.64 -1.78
N ILE A 23 18.97 14.28 -3.02
CA ILE A 23 18.29 13.03 -3.31
C ILE A 23 19.27 11.89 -3.04
N PRO A 24 18.89 10.85 -2.27
CA PRO A 24 19.84 9.79 -1.88
C PRO A 24 20.15 8.85 -3.03
N SER A 25 21.15 8.00 -2.82
CA SER A 25 21.56 7.05 -3.82
C SER A 25 20.39 6.12 -4.18
N ALA A 26 20.52 5.45 -5.31
CA ALA A 26 19.51 4.50 -5.74
C ALA A 26 19.48 3.30 -4.80
N ASP A 27 20.66 2.87 -4.35
CA ASP A 27 20.74 1.72 -3.46
C ASP A 27 20.10 2.06 -2.11
N ASN A 28 20.30 3.27 -1.61
CA ASN A 28 19.61 3.77 -0.42
C ASN A 28 18.10 3.68 -0.62
N LEU A 29 17.60 4.23 -1.73
CA LEU A 29 16.18 4.23 -2.00
C LEU A 29 15.65 2.80 -2.11
N LYS A 30 16.40 1.92 -2.77
CA LYS A 30 15.90 0.58 -2.94
C LYS A 30 15.80 -0.09 -1.57
N ASN A 31 16.80 0.17 -0.72
CA ASN A 31 16.91 -0.51 0.56
C ASN A 31 15.78 -0.10 1.49
N ARG A 32 15.33 1.16 1.35
CA ARG A 32 14.26 1.67 2.18
C ARG A 32 12.95 0.98 1.80
N PHE A 33 12.67 0.87 0.51
CA PHE A 33 11.49 0.17 0.10
C PHE A 33 11.55 -1.27 0.58
N LYS A 34 12.71 -1.94 0.46
CA LYS A 34 12.81 -3.36 0.78
C LYS A 34 12.83 -3.61 2.30
N ALA A 35 13.11 -2.57 3.09
CA ALA A 35 13.17 -2.71 4.54
C ALA A 35 11.77 -2.94 5.11
N ARG A 36 10.78 -2.29 4.49
CA ARG A 36 9.41 -2.27 4.96
C ARG A 36 8.66 -3.56 4.61
N SER A 37 9.15 -4.34 3.63
CA SER A 37 8.44 -5.52 3.15
C SER A 37 8.06 -6.49 4.27
N ILE A 38 8.99 -6.79 5.20
CA ILE A 38 8.76 -7.81 6.21
C ILE A 38 7.86 -7.23 7.30
N PRO A 39 8.20 -6.06 7.89
CA PRO A 39 7.29 -5.38 8.82
C PRO A 39 5.87 -5.34 8.28
N LEU A 40 5.67 -5.03 7.00
CA LEU A 40 4.31 -4.99 6.48
CA LEU A 40 4.35 -5.02 6.37
C LEU A 40 3.71 -6.39 6.44
N GLU A 41 4.51 -7.41 6.14
CA GLU A 41 3.99 -8.77 6.14
C GLU A 41 3.54 -9.16 7.55
N THR A 42 4.31 -8.73 8.56
CA THR A 42 3.98 -8.96 9.95
C THR A 42 2.65 -8.25 10.27
N ASP A 43 2.56 -6.96 9.95
CA ASP A 43 1.39 -6.17 10.28
C ASP A 43 0.11 -6.75 9.67
N PHE A 44 0.15 -7.14 8.40
CA PHE A 44 -1.05 -7.61 7.74
C PHE A 44 -1.47 -8.98 8.25
N THR A 45 -0.49 -9.84 8.55
CA THR A 45 -0.68 -11.14 9.18
C THR A 45 -1.40 -10.97 10.52
N ASN A 46 -0.88 -10.08 11.39
CA ASN A 46 -1.44 -9.80 12.68
C ASN A 46 -2.85 -9.25 12.54
N LEU A 47 -3.05 -8.33 11.60
CA LEU A 47 -4.35 -7.75 11.37
C LEU A 47 -5.35 -8.79 10.83
N ILE A 48 -4.89 -9.71 9.97
CA ILE A 48 -5.79 -10.73 9.45
C ILE A 48 -6.19 -11.66 10.60
N ASP A 49 -5.24 -11.96 11.50
CA ASP A 49 -5.47 -12.85 12.61
C ASP A 49 -6.47 -12.21 13.58
N LEU A 50 -6.33 -10.89 13.77
CA LEU A 50 -7.19 -10.15 14.67
C LEU A 50 -8.62 -10.18 14.14
N ALA A 51 -8.80 -9.92 12.85
CA ALA A 51 -10.14 -9.98 12.25
C ALA A 51 -10.73 -11.38 12.34
N GLU A 52 -9.87 -12.41 12.31
CA GLU A 52 -10.35 -13.80 12.23
C GLU A 52 -11.05 -14.19 13.55
N VAL A 53 -10.79 -13.45 14.64
CA VAL A 53 -11.22 -13.85 15.98
C VAL A 53 -12.74 -13.88 16.08
N GLY A 54 -13.39 -12.88 15.48
CA GLY A 54 -14.83 -12.77 15.37
C GLY A 54 -15.49 -13.93 14.60
N ARG A 55 -14.87 -14.39 13.50
CA ARG A 55 -15.41 -15.47 12.68
C ARG A 55 -15.26 -16.79 13.44
N LEU A 56 -14.16 -16.95 14.18
CA LEU A 56 -13.96 -18.10 15.04
C LEU A 56 -15.05 -18.13 16.13
N ALA A 57 -15.34 -16.98 16.73
CA ALA A 57 -16.24 -16.93 17.89
C ALA A 57 -17.63 -17.42 17.49
N ILE A 58 -18.09 -17.05 16.30
CA ILE A 58 -19.40 -17.43 15.84
C ILE A 58 -19.34 -18.80 15.16
N GLY A 59 -18.15 -19.39 15.08
CA GLY A 59 -18.00 -20.72 14.50
C GLY A 59 -18.34 -20.76 13.02
N GLN A 60 -17.84 -19.77 12.26
CA GLN A 60 -17.99 -19.77 10.81
C GLN A 60 -16.63 -19.80 10.13
N SER A 61 -15.56 -20.17 10.87
CA SER A 61 -14.21 -20.10 10.37
C SER A 61 -13.90 -21.32 9.52
N PRO A 62 -13.39 -21.11 8.29
CA PRO A 62 -13.00 -22.21 7.41
C PRO A 62 -12.05 -23.18 8.07
N SER A 63 -11.36 -22.78 9.15
CA SER A 63 -10.46 -23.68 9.86
C SER A 63 -11.16 -24.46 10.99
N GLN A 64 -12.50 -24.40 11.11
CA GLN A 64 -13.20 -25.12 12.16
C GLN A 64 -13.89 -26.32 11.52
N GLN A 65 -13.91 -27.44 12.26
CA GLN A 65 -14.44 -28.70 11.75
C GLN A 65 -15.91 -28.58 11.42
N SER A 66 -16.65 -27.94 12.34
CA SER A 66 -18.05 -27.68 12.13
C SER A 66 -18.32 -26.18 12.06
N LYS A 67 -18.96 -25.74 10.98
CA LYS A 67 -19.31 -24.34 10.84
C LYS A 67 -20.62 -24.13 11.58
N THR A 68 -20.57 -24.35 12.90
CA THR A 68 -21.72 -24.14 13.75
C THR A 68 -21.37 -23.32 14.99
N PRO A 69 -22.33 -22.52 15.49
CA PRO A 69 -22.19 -21.84 16.77
C PRO A 69 -21.97 -22.83 17.91
N GLY A 70 -21.32 -22.36 18.96
CA GLY A 70 -21.04 -23.21 20.09
C GLY A 70 -22.32 -23.56 20.85
N THR A 71 -22.17 -24.36 21.90
CA THR A 71 -23.28 -24.87 22.69
C THR A 71 -24.23 -23.73 23.08
N GLY A 72 -25.51 -23.89 22.73
CA GLY A 72 -26.54 -23.00 23.24
C GLY A 72 -26.63 -21.67 22.49
N MET A 73 -25.89 -21.55 21.38
CA MET A 73 -25.84 -20.32 20.61
C MET A 73 -26.43 -20.60 19.23
N GLU A 74 -26.90 -19.52 18.61
CA GLU A 74 -27.26 -19.45 17.22
C GLU A 74 -26.94 -18.08 16.64
N LEU A 75 -27.00 -17.97 15.32
CA LEU A 75 -26.79 -16.72 14.61
C LEU A 75 -28.12 -16.25 14.07
N THR A 76 -28.46 -14.98 14.30
CA THR A 76 -29.59 -14.38 13.62
C THR A 76 -29.23 -14.27 12.15
N SER A 77 -30.22 -13.92 11.33
CA SER A 77 -30.03 -13.79 9.90
C SER A 77 -29.28 -12.50 9.58
N ASP A 78 -29.22 -11.54 10.53
CA ASP A 78 -28.37 -10.36 10.35
C ASP A 78 -27.07 -10.49 11.14
N GLY A 79 -26.72 -11.71 11.59
CA GLY A 79 -25.37 -12.01 12.02
C GLY A 79 -25.07 -11.87 13.51
N LYS A 80 -26.09 -11.78 14.38
CA LYS A 80 -25.88 -11.64 15.82
C LYS A 80 -25.69 -13.00 16.45
N LEU A 81 -24.70 -13.13 17.34
CA LEU A 81 -24.56 -14.35 18.13
C LEU A 81 -25.43 -14.24 19.39
N GLN A 82 -26.36 -15.18 19.59
CA GLN A 82 -27.27 -15.08 20.73
C GLN A 82 -27.62 -16.45 21.27
N VAL A 83 -28.23 -16.45 22.45
CA VAL A 83 -28.65 -17.65 23.14
C VAL A 83 -29.80 -18.26 22.34
N LYS A 84 -29.78 -19.60 22.24
CA LYS A 84 -30.86 -20.34 21.61
C LYS A 84 -31.73 -21.01 22.70
N ALA A 85 -32.89 -20.41 23.01
CA ALA A 85 -33.70 -20.86 24.13
C ALA A 85 -34.38 -22.18 23.83
N GLY A 86 -34.25 -23.15 24.73
CA GLY A 86 -35.02 -24.38 24.59
C GLY A 86 -36.15 -24.47 25.63
N ALA A 87 -36.66 -25.70 25.80
CA ALA A 87 -37.75 -25.95 26.72
C ALA A 87 -37.34 -25.55 28.15
N GLY A 88 -38.26 -24.85 28.83
CA GLY A 88 -38.04 -24.42 30.20
C GLY A 88 -37.52 -22.98 30.31
N VAL A 89 -37.04 -22.48 29.19
CA VAL A 89 -36.23 -21.29 29.16
C VAL A 89 -36.93 -20.24 28.30
N ASP A 90 -36.99 -18.99 28.79
CA ASP A 90 -37.61 -17.92 28.03
C ASP A 90 -36.66 -16.72 27.98
N ILE A 91 -36.99 -15.78 27.10
CA ILE A 91 -36.33 -14.51 27.01
C ILE A 91 -37.35 -13.46 27.40
N ASP A 92 -37.06 -12.68 28.43
CA ASP A 92 -38.07 -11.73 28.91
C ASP A 92 -37.97 -10.41 28.14
N ASN A 93 -38.81 -9.48 28.56
CA ASN A 93 -38.94 -8.17 27.95
C ASN A 93 -37.69 -7.31 28.11
N ASN A 94 -36.79 -7.68 29.03
CA ASN A 94 -35.51 -7.01 29.14
C ASN A 94 -34.40 -7.81 28.45
N ASN A 95 -34.78 -8.77 27.59
CA ASN A 95 -33.80 -9.57 26.85
C ASN A 95 -32.99 -10.49 27.77
N ARG A 96 -33.54 -10.87 28.93
CA ARG A 96 -32.80 -11.72 29.86
C ARG A 96 -33.28 -13.16 29.72
N ILE A 97 -32.34 -14.06 29.95
CA ILE A 97 -32.63 -15.48 29.95
CA ILE A 97 -32.61 -15.48 29.95
C ILE A 97 -33.30 -15.79 31.27
N THR A 98 -34.49 -16.35 31.18
CA THR A 98 -35.31 -16.58 32.36
CA THR A 98 -35.43 -16.50 32.28
C THR A 98 -35.96 -17.94 32.25
N ILE A 99 -36.46 -18.41 33.37
CA ILE A 99 -37.19 -19.67 33.41
C ILE A 99 -38.65 -19.43 33.03
N LYS A 100 -39.18 -20.36 32.25
CA LYS A 100 -40.59 -20.33 31.92
C LYS A 100 -41.36 -21.28 32.85
N SER A 101 -42.38 -20.76 33.53
CA SER A 101 -43.04 -21.60 34.53
C SER A 101 -44.38 -22.13 34.02
N GLY A 102 -44.53 -23.45 34.15
CA GLY A 102 -45.81 -24.09 33.97
C GLY A 102 -46.49 -24.38 35.31
N HIS A 103 -47.52 -25.21 35.27
CA HIS A 103 -48.33 -25.50 36.44
C HIS A 103 -47.50 -26.15 37.57
N GLY A 104 -47.59 -25.54 38.76
CA GLY A 104 -47.01 -26.07 39.98
C GLY A 104 -45.73 -25.34 40.42
N ILE A 105 -45.20 -24.51 39.52
CA ILE A 105 -43.96 -23.80 39.68
C ILE A 105 -44.25 -22.30 39.66
N LYS A 106 -43.58 -21.53 40.48
CA LYS A 106 -43.52 -20.09 40.29
C LYS A 106 -42.06 -19.66 40.30
N VAL A 107 -41.82 -18.47 39.76
CA VAL A 107 -40.49 -17.91 39.61
C VAL A 107 -40.53 -16.47 40.10
N ASP A 108 -39.55 -16.10 40.92
CA ASP A 108 -39.54 -14.77 41.50
C ASP A 108 -38.14 -14.49 42.04
N GLY A 109 -38.02 -13.48 42.93
CA GLY A 109 -36.72 -13.13 43.47
C GLY A 109 -35.99 -14.28 44.16
N ASN A 110 -36.72 -15.27 44.68
CA ASN A 110 -36.10 -16.40 45.38
C ASN A 110 -35.78 -17.55 44.42
N GLY A 111 -36.11 -17.37 43.14
CA GLY A 111 -35.82 -18.36 42.11
C GLY A 111 -37.03 -19.23 41.80
N ILE A 112 -36.75 -20.49 41.46
CA ILE A 112 -37.80 -21.45 41.13
C ILE A 112 -38.30 -22.03 42.45
N SER A 113 -39.61 -22.01 42.68
CA SER A 113 -40.21 -22.70 43.80
C SER A 113 -41.47 -23.44 43.41
N VAL A 114 -41.95 -24.30 44.30
CA VAL A 114 -43.20 -25.00 44.07
C VAL A 114 -44.32 -24.11 44.56
N LYS A 115 -45.34 -23.93 43.71
CA LYS A 115 -46.47 -23.11 44.02
C LYS A 115 -47.53 -23.93 44.77
N PRO A 116 -47.91 -23.52 45.99
CA PRO A 116 -48.87 -24.30 46.78
C PRO A 116 -50.34 -24.05 46.45
N GLY A 117 -51.05 -25.13 46.08
CA GLY A 117 -52.49 -25.12 45.96
C GLY A 117 -53.20 -25.72 47.16
N SER A 118 -54.39 -26.19 46.87
CA SER A 118 -55.26 -26.74 47.88
C SER A 118 -54.66 -27.99 48.50
N GLY A 119 -54.56 -27.98 49.83
CA GLY A 119 -54.10 -29.14 50.56
C GLY A 119 -52.58 -29.18 50.70
N ILE A 120 -51.90 -28.12 50.26
CA ILE A 120 -50.45 -28.10 50.13
C ILE A 120 -49.86 -26.85 50.78
N LYS A 121 -48.74 -27.08 51.49
CA LYS A 121 -47.93 -26.01 52.07
C LYS A 121 -46.48 -26.25 51.70
N VAL A 122 -45.85 -25.18 51.22
CA VAL A 122 -44.47 -25.22 50.83
C VAL A 122 -43.67 -24.44 51.88
N ASP A 123 -42.61 -25.05 52.41
CA ASP A 123 -41.68 -24.39 53.31
C ASP A 123 -40.29 -24.97 53.04
N SER A 124 -39.33 -24.72 53.94
CA SER A 124 -37.95 -25.15 53.77
C SER A 124 -37.82 -26.68 53.83
N ASN A 125 -38.71 -27.35 54.54
CA ASN A 125 -38.79 -28.80 54.50
C ASN A 125 -39.33 -29.35 53.15
N GLY A 126 -40.00 -28.50 52.39
CA GLY A 126 -40.30 -28.85 51.01
C GLY A 126 -41.80 -28.70 50.75
N VAL A 127 -42.33 -29.64 49.97
CA VAL A 127 -43.75 -29.68 49.66
C VAL A 127 -44.42 -30.54 50.75
N ASN A 128 -45.46 -29.96 51.41
CA ASN A 128 -46.11 -30.64 52.53
C ASN A 128 -47.62 -30.75 52.28
N VAL A 129 -48.22 -31.81 52.81
CA VAL A 129 -49.65 -31.95 52.81
C VAL A 129 -50.22 -31.18 53.99
N ASN A 130 -51.20 -30.31 53.71
CA ASN A 130 -51.93 -29.58 54.71
C ASN A 130 -53.36 -30.10 54.79
N ILE A 131 -53.68 -30.86 55.83
CA ILE A 131 -54.98 -31.50 55.90
C ILE A 131 -56.14 -30.56 56.17
N ASP A 132 -55.91 -29.34 56.66
CA ASP A 132 -57.01 -28.43 56.96
C ASP A 132 -57.90 -28.19 55.74
N ASP A 133 -57.31 -28.30 54.54
CA ASP A 133 -58.02 -27.99 53.32
C ASP A 133 -58.95 -29.12 52.83
N PHE A 134 -58.74 -30.38 53.25
CA PHE A 134 -59.52 -31.46 52.68
C PHE A 134 -60.06 -32.49 53.69
N TRP A 135 -59.78 -32.42 55.01
CA TRP A 135 -60.16 -33.57 55.85
C TRP A 135 -61.66 -33.69 56.04
N GLU A 136 -62.38 -32.56 56.05
CA GLU A 136 -63.84 -32.60 56.18
C GLU A 136 -64.52 -33.29 54.99
N GLU A 137 -64.01 -33.06 53.78
CA GLU A 137 -64.52 -33.71 52.59
CA GLU A 137 -64.49 -33.71 52.58
C GLU A 137 -64.31 -35.21 52.74
N ILE A 138 -63.16 -35.63 53.32
CA ILE A 138 -62.91 -37.06 53.48
C ILE A 138 -63.90 -37.63 54.49
N ARG A 139 -64.10 -36.94 55.62
CA ARG A 139 -65.12 -37.35 56.57
C ARG A 139 -66.51 -37.53 55.91
N ASN A 140 -66.93 -36.54 55.11
CA ASN A 140 -68.22 -36.58 54.42
C ASN A 140 -68.29 -37.73 53.42
N LYS A 141 -67.21 -38.20 52.84
CA LYS A 141 -67.27 -39.41 52.01
C LYS A 141 -67.43 -40.71 52.80
N ILE A 142 -67.18 -40.67 54.12
CA ILE A 142 -67.26 -41.87 54.94
C ILE A 142 -68.57 -41.94 55.71
N MET A 143 -68.97 -40.81 56.27
CA MET A 143 -70.10 -40.81 57.18
C MET A 143 -71.04 -39.70 56.75
N PRO A 144 -72.31 -40.03 56.48
CA PRO A 144 -73.26 -39.02 56.04
C PRO A 144 -73.93 -38.29 57.19
N LYS A 145 -74.66 -37.24 56.84
CA LYS A 145 -75.42 -36.50 57.81
C LYS A 145 -76.37 -37.46 58.47
N GLY A 146 -76.52 -37.36 59.78
CA GLY A 146 -77.44 -38.21 60.49
C GLY A 146 -76.75 -39.42 61.10
N THR A 147 -75.47 -39.65 60.82
CA THR A 147 -74.74 -40.74 61.46
C THR A 147 -74.65 -40.51 62.97
N MET A 148 -74.89 -41.59 63.73
CA MET A 148 -74.84 -41.58 65.18
C MET A 148 -73.68 -42.46 65.70
N LEU A 149 -72.91 -41.95 66.68
CA LEU A 149 -71.72 -42.64 67.24
C LEU A 149 -71.80 -42.58 68.75
N PRO A 150 -71.65 -43.75 69.39
CA PRO A 150 -71.62 -43.87 70.83
C PRO A 150 -70.22 -43.55 71.37
N ILE A 151 -70.14 -42.61 72.32
CA ILE A 151 -68.86 -42.30 72.95
C ILE A 151 -68.89 -42.77 74.41
N TYR A 152 -67.91 -43.59 74.76
CA TYR A 152 -67.70 -44.06 76.13
C TYR A 152 -66.79 -43.09 76.90
N GLY A 153 -67.26 -42.66 78.06
CA GLY A 153 -66.46 -41.81 78.92
C GLY A 153 -66.88 -41.96 80.37
N THR A 154 -65.95 -41.60 81.27
CA THR A 154 -65.97 -42.08 82.65
C THR A 154 -65.37 -40.99 83.54
N PRO A 155 -66.14 -39.99 83.98
CA PRO A 155 -67.57 -39.92 83.74
C PRO A 155 -68.00 -39.01 82.59
N ASN A 156 -67.06 -38.51 81.81
CA ASN A 156 -67.38 -37.57 80.75
C ASN A 156 -66.91 -38.15 79.42
N PRO A 157 -67.63 -37.85 78.32
CA PRO A 157 -67.11 -38.15 76.99
C PRO A 157 -66.05 -37.12 76.55
N SER A 158 -65.14 -37.56 75.69
CA SER A 158 -64.36 -36.66 74.86
C SER A 158 -65.22 -35.57 74.21
N ALA A 159 -64.54 -34.48 73.88
CA ALA A 159 -65.13 -33.32 73.21
C ALA A 159 -65.69 -33.73 71.84
N LEU A 160 -66.79 -33.08 71.46
CA LEU A 160 -67.39 -33.26 70.15
C LEU A 160 -66.40 -32.90 69.07
N PRO A 161 -66.23 -33.76 68.04
CA PRO A 161 -65.52 -33.36 66.85
C PRO A 161 -66.35 -32.29 66.14
N THR A 162 -65.72 -31.48 65.30
CA THR A 162 -66.39 -30.49 64.47
CA THR A 162 -66.44 -30.48 64.54
C THR A 162 -67.41 -31.18 63.59
N GLY A 163 -68.61 -30.62 63.48
CA GLY A 163 -69.69 -31.14 62.65
C GLY A 163 -70.66 -32.05 63.41
N TRP A 164 -70.42 -32.26 64.72
CA TRP A 164 -71.24 -33.18 65.50
C TRP A 164 -71.93 -32.47 66.67
N GLU A 165 -73.05 -33.02 67.13
CA GLU A 165 -73.71 -32.56 68.33
C GLU A 165 -74.14 -33.76 69.17
N TRP A 166 -74.33 -33.55 70.48
CA TRP A 166 -74.92 -34.51 71.38
C TRP A 166 -76.40 -34.71 71.05
N CYS A 167 -76.82 -36.00 71.15
CA CYS A 167 -78.21 -36.37 71.00
C CYS A 167 -79.00 -36.00 72.24
N ASP A 168 -79.33 -34.71 72.37
CA ASP A 168 -79.95 -34.11 73.54
C ASP A 168 -81.36 -33.60 73.24
N GLY A 169 -81.99 -34.00 72.15
CA GLY A 169 -83.39 -33.65 71.92
C GLY A 169 -83.63 -32.22 71.43
N LYS A 170 -82.60 -31.38 71.32
CA LYS A 170 -82.77 -30.00 70.87
C LYS A 170 -82.55 -29.96 69.37
N ASP A 171 -83.17 -28.95 68.73
CA ASP A 171 -82.91 -28.53 67.37
C ASP A 171 -83.01 -29.67 66.37
N GLY A 172 -83.96 -30.58 66.59
CA GLY A 172 -84.24 -31.65 65.63
C GLY A 172 -83.41 -32.92 65.87
N ARG A 173 -82.47 -32.88 66.82
CA ARG A 173 -81.69 -34.07 67.14
C ARG A 173 -82.55 -35.01 67.98
N PRO A 174 -82.27 -36.33 67.90
CA PRO A 174 -82.94 -37.26 68.77
C PRO A 174 -82.60 -37.03 70.25
N ASN A 175 -83.53 -37.47 71.08
CA ASN A 175 -83.44 -37.36 72.51
C ASN A 175 -83.14 -38.73 73.05
N LEU A 176 -81.86 -39.02 73.31
CA LEU A 176 -81.40 -40.30 73.82
C LEU A 176 -81.32 -40.26 75.35
N LYS A 177 -81.87 -39.20 75.96
CA LYS A 177 -81.95 -39.13 77.40
C LYS A 177 -83.43 -39.02 77.78
N LYS A 178 -84.26 -39.67 76.99
CA LYS A 178 -85.71 -39.62 77.13
C LYS A 178 -86.18 -40.46 78.32
N GLY A 179 -85.45 -41.54 78.65
CA GLY A 179 -85.80 -42.45 79.73
C GLY A 179 -84.57 -42.90 80.51
N LYS A 180 -84.74 -43.86 81.41
CA LYS A 180 -83.59 -44.48 82.03
C LYS A 180 -82.79 -45.24 80.98
N TYR A 181 -83.46 -45.99 80.11
CA TYR A 181 -82.76 -46.73 79.08
C TYR A 181 -83.20 -46.24 77.70
N ASN A 182 -82.21 -46.08 76.81
CA ASN A 182 -82.43 -45.45 75.52
C ASN A 182 -81.69 -46.22 74.45
N LEU A 183 -82.34 -47.18 73.76
CA LEU A 183 -81.63 -48.09 72.85
C LEU A 183 -81.88 -47.69 71.40
N LEU A 184 -80.91 -47.98 70.51
CA LEU A 184 -81.13 -47.89 69.08
C LEU A 184 -81.61 -49.25 68.59
N SER A 185 -82.48 -49.25 67.57
CA SER A 185 -82.99 -50.44 66.90
C SER A 185 -83.11 -50.16 65.40
N GLY A 186 -82.75 -51.15 64.59
CA GLY A 186 -83.10 -51.16 63.18
C GLY A 186 -84.60 -51.44 63.04
N GLN A 187 -85.20 -51.12 61.90
CA GLN A 187 -84.57 -50.61 60.71
C GLN A 187 -85.58 -49.71 60.04
N SER A 188 -85.62 -48.45 60.49
CA SER A 188 -86.81 -47.65 60.32
C SER A 188 -86.62 -46.28 60.96
N SER A 189 -87.70 -45.52 61.01
CA SER A 189 -87.70 -44.24 61.67
C SER A 189 -88.77 -44.30 62.75
N GLY A 190 -88.74 -43.33 63.66
CA GLY A 190 -89.66 -43.35 64.78
C GLY A 190 -89.03 -43.84 66.10
N THR A 191 -89.88 -43.92 67.13
CA THR A 191 -89.57 -44.33 68.49
C THR A 191 -90.66 -45.25 69.04
N ASP A 192 -90.36 -46.01 70.08
CA ASP A 192 -91.30 -46.91 70.70
C ASP A 192 -90.80 -47.20 72.12
N THR A 193 -91.55 -48.05 72.85
CA THR A 193 -91.12 -48.53 74.15
C THR A 193 -91.55 -49.98 74.36
N PHE A 194 -90.72 -50.74 75.05
CA PHE A 194 -91.13 -52.02 75.59
C PHE A 194 -90.79 -52.08 77.08
N TRP A 195 -91.33 -53.10 77.75
CA TRP A 195 -91.29 -53.23 79.19
C TRP A 195 -90.43 -54.43 79.57
N ALA A 196 -89.51 -54.21 80.49
CA ALA A 196 -88.84 -55.31 81.16
C ALA A 196 -89.55 -55.64 82.48
N ASP A 197 -89.22 -56.81 83.04
CA ASP A 197 -89.82 -57.30 84.28
C ASP A 197 -88.70 -57.58 85.27
N ASN A 198 -88.42 -56.61 86.13
CA ASN A 198 -87.29 -56.74 87.04
C ASN A 198 -87.66 -57.63 88.24
N LYS A 199 -88.92 -57.61 88.69
CA LYS A 199 -89.41 -58.57 89.70
C LYS A 199 -89.39 -60.01 89.17
N ASN A 200 -90.05 -60.30 88.04
CA ASN A 200 -90.31 -61.70 87.66
C ASN A 200 -89.52 -62.21 86.45
N GLY A 201 -88.81 -61.35 85.71
CA GLY A 201 -88.22 -61.77 84.45
C GLY A 201 -87.10 -62.76 84.70
N ASP A 202 -86.75 -63.55 83.69
CA ASP A 202 -85.80 -64.65 83.86
C ASP A 202 -84.53 -64.45 83.03
N THR A 203 -84.43 -63.31 82.34
CA THR A 203 -83.38 -63.14 81.35
C THR A 203 -82.74 -61.80 81.60
N GLU A 204 -81.44 -61.84 81.89
CA GLU A 204 -80.73 -60.64 82.32
C GLU A 204 -80.09 -60.00 81.11
N ILE A 205 -80.34 -58.70 80.95
CA ILE A 205 -79.69 -57.95 79.89
C ILE A 205 -78.71 -56.97 80.52
N ASN A 206 -77.45 -57.00 80.12
CA ASN A 206 -76.49 -55.99 80.55
C ASN A 206 -76.57 -54.77 79.64
N VAL A 207 -76.40 -53.60 80.26
CA VAL A 207 -76.37 -52.32 79.56
C VAL A 207 -75.15 -51.50 79.93
N LEU A 208 -74.45 -51.00 78.92
CA LEU A 208 -73.44 -50.01 79.06
C LEU A 208 -74.00 -48.68 78.58
N PHE A 209 -73.88 -47.65 79.44
CA PHE A 209 -74.26 -46.28 79.13
C PHE A 209 -73.13 -45.56 78.41
N VAL A 210 -73.53 -44.84 77.35
CA VAL A 210 -72.63 -44.09 76.50
C VAL A 210 -73.32 -42.76 76.19
N TYR A 211 -72.58 -41.90 75.51
CA TYR A 211 -73.07 -40.65 75.00
C TYR A 211 -73.09 -40.72 73.46
N TYR A 212 -74.30 -40.71 72.88
CA TYR A 212 -74.47 -40.65 71.44
C TYR A 212 -74.38 -39.21 70.95
N MET A 213 -73.49 -39.00 69.98
CA MET A 213 -73.43 -37.80 69.18
C MET A 213 -73.95 -38.11 67.75
N ILE A 214 -74.33 -37.04 67.04
CA ILE A 214 -74.88 -37.13 65.68
C ILE A 214 -74.23 -36.12 64.75
N LYS A 215 -73.93 -36.55 63.53
CA LYS A 215 -73.32 -35.69 62.52
C LYS A 215 -74.40 -34.81 61.91
N VAL A 216 -74.29 -33.49 62.12
CA VAL A 216 -75.36 -32.55 61.71
C VAL A 216 -74.94 -31.80 60.46
N VAL A 217 -73.84 -32.23 59.79
CA VAL A 217 -73.41 -31.70 58.49
C VAL A 217 -73.06 -32.86 57.54
N SER B 17 0.46 10.50 -21.75
CA SER B 17 1.72 10.42 -20.99
C SER B 17 2.85 9.69 -21.76
N ARG B 18 2.60 9.29 -23.02
CA ARG B 18 3.68 9.06 -23.98
C ARG B 18 4.34 10.40 -24.28
N ALA B 19 3.58 11.35 -24.84
CA ALA B 19 4.03 12.71 -25.05
C ALA B 19 4.39 13.31 -23.70
N VAL B 20 5.51 14.04 -23.65
CA VAL B 20 6.05 14.53 -22.39
CA VAL B 20 6.07 14.55 -22.41
C VAL B 20 5.12 15.62 -21.85
N GLY B 21 4.43 16.34 -22.77
CA GLY B 21 3.55 17.45 -22.42
C GLY B 21 2.40 17.06 -21.49
N GLU B 22 2.01 15.78 -21.48
CA GLU B 22 0.84 15.29 -20.74
C GLU B 22 1.17 14.91 -19.30
N ILE B 23 2.46 14.81 -18.93
CA ILE B 23 2.85 14.26 -17.63
C ILE B 23 2.77 15.36 -16.58
N PRO B 24 2.00 15.19 -15.48
CA PRO B 24 1.85 16.25 -14.48
C PRO B 24 3.19 16.76 -13.97
N SER B 25 3.16 17.95 -13.36
CA SER B 25 4.32 18.50 -12.70
C SER B 25 4.78 17.57 -11.57
N ALA B 26 6.04 17.71 -11.17
CA ALA B 26 6.55 16.95 -10.05
C ALA B 26 5.84 17.34 -8.76
N ASP B 27 5.44 18.62 -8.62
CA ASP B 27 4.79 19.09 -7.41
C ASP B 27 3.42 18.46 -7.27
N ASN B 28 2.65 18.50 -8.35
CA ASN B 28 1.34 17.88 -8.42
C ASN B 28 1.42 16.37 -8.07
N LEU B 29 2.40 15.65 -8.63
CA LEU B 29 2.57 14.24 -8.33
CA LEU B 29 2.57 14.24 -8.33
C LEU B 29 2.82 14.07 -6.83
N LYS B 30 3.78 14.82 -6.29
CA LYS B 30 4.12 14.70 -4.87
C LYS B 30 2.92 15.03 -3.98
N ASN B 31 2.07 15.97 -4.42
CA ASN B 31 0.92 16.40 -3.66
C ASN B 31 -0.21 15.37 -3.73
N ARG B 32 -0.35 14.67 -4.87
CA ARG B 32 -1.34 13.60 -4.95
C ARG B 32 -0.98 12.49 -3.97
N PHE B 33 0.33 12.20 -3.84
CA PHE B 33 0.80 11.14 -2.98
C PHE B 33 0.61 11.54 -1.52
N LYS B 34 1.07 12.75 -1.21
CA LYS B 34 0.99 13.32 0.13
C LYS B 34 -0.46 13.37 0.62
N ALA B 35 -1.41 13.62 -0.28
CA ALA B 35 -2.80 13.88 0.06
C ALA B 35 -3.45 12.63 0.67
N ARG B 36 -2.94 11.44 0.31
CA ARG B 36 -3.58 10.19 0.63
C ARG B 36 -3.12 9.68 1.98
N SER B 37 -2.02 10.24 2.47
CA SER B 37 -1.40 9.74 3.70
C SER B 37 -2.42 9.67 4.85
N ILE B 38 -3.14 10.79 5.11
CA ILE B 38 -3.96 10.87 6.30
C ILE B 38 -5.22 10.04 6.10
N PRO B 39 -5.94 10.18 4.97
CA PRO B 39 -7.00 9.24 4.64
C PRO B 39 -6.57 7.78 4.85
N LEU B 40 -5.33 7.41 4.48
CA LEU B 40 -4.84 6.06 4.67
CA LEU B 40 -4.86 6.05 4.67
C LEU B 40 -4.73 5.77 6.16
N GLU B 41 -4.10 6.68 6.90
CA GLU B 41 -3.99 6.53 8.35
C GLU B 41 -5.36 6.35 9.00
N THR B 42 -6.35 7.12 8.56
CA THR B 42 -7.70 7.04 9.08
C THR B 42 -8.27 5.65 8.81
N ASP B 43 -8.39 5.30 7.52
CA ASP B 43 -8.84 3.99 7.05
C ASP B 43 -8.23 2.83 7.84
N PHE B 44 -6.91 2.82 8.08
CA PHE B 44 -6.30 1.69 8.77
C PHE B 44 -6.64 1.69 10.27
N THR B 45 -6.77 2.87 10.86
CA THR B 45 -7.13 3.01 12.27
C THR B 45 -8.50 2.36 12.47
N ASN B 46 -9.44 2.75 11.63
CA ASN B 46 -10.78 2.21 11.60
C ASN B 46 -10.83 0.70 11.34
N LEU B 47 -10.02 0.21 10.41
CA LEU B 47 -10.03 -1.21 10.09
C LEU B 47 -9.51 -1.98 11.28
N ILE B 48 -8.44 -1.50 11.92
CA ILE B 48 -7.91 -2.15 13.10
C ILE B 48 -8.93 -2.16 14.24
N ASP B 49 -9.64 -1.05 14.45
CA ASP B 49 -10.62 -0.96 15.51
C ASP B 49 -11.82 -1.85 15.17
N LEU B 50 -12.18 -1.94 13.89
CA LEU B 50 -13.23 -2.86 13.50
C LEU B 50 -12.84 -4.29 13.87
N ALA B 51 -11.58 -4.67 13.61
CA ALA B 51 -11.12 -6.02 13.86
C ALA B 51 -11.08 -6.32 15.35
N GLU B 52 -10.78 -5.30 16.17
CA GLU B 52 -10.55 -5.53 17.59
C GLU B 52 -11.87 -5.96 18.28
N VAL B 53 -13.02 -5.65 17.65
CA VAL B 53 -14.33 -5.83 18.25
C VAL B 53 -14.51 -7.29 18.66
N GLY B 54 -14.17 -8.20 17.74
CA GLY B 54 -14.30 -9.62 18.02
C GLY B 54 -13.46 -10.06 19.20
N ARG B 55 -12.25 -9.53 19.33
CA ARG B 55 -11.33 -9.95 20.38
C ARG B 55 -11.81 -9.47 21.74
N LEU B 56 -12.33 -8.23 21.78
CA LEU B 56 -13.00 -7.69 22.95
C LEU B 56 -14.18 -8.58 23.31
N ALA B 57 -15.00 -8.97 22.31
CA ALA B 57 -16.21 -9.76 22.57
C ALA B 57 -15.88 -11.04 23.35
N ILE B 58 -14.78 -11.71 23.02
CA ILE B 58 -14.44 -12.94 23.72
C ILE B 58 -13.59 -12.65 24.96
N GLY B 59 -13.40 -11.37 25.30
CA GLY B 59 -12.60 -11.01 26.47
C GLY B 59 -11.13 -11.47 26.38
N GLN B 60 -10.50 -11.31 25.21
CA GLN B 60 -9.10 -11.69 25.05
C GLN B 60 -8.26 -10.47 24.67
N SER B 61 -8.81 -9.26 24.76
CA SER B 61 -8.09 -8.07 24.39
C SER B 61 -6.99 -7.75 25.40
N PRO B 62 -5.77 -7.37 24.94
CA PRO B 62 -4.77 -6.75 25.81
C PRO B 62 -5.26 -5.54 26.59
N SER B 63 -6.27 -4.84 26.08
CA SER B 63 -6.70 -3.60 26.72
C SER B 63 -7.74 -3.84 27.81
N GLN B 64 -8.14 -5.10 28.06
CA GLN B 64 -9.16 -5.41 29.07
C GLN B 64 -8.48 -5.85 30.37
N GLN B 65 -9.07 -5.43 31.50
CA GLN B 65 -8.47 -5.65 32.80
C GLN B 65 -8.35 -7.16 33.05
N SER B 66 -9.42 -7.91 32.79
CA SER B 66 -9.38 -9.35 32.99
C SER B 66 -9.54 -10.10 31.67
N LYS B 67 -8.61 -11.06 31.45
CA LYS B 67 -8.49 -11.75 30.18
C LYS B 67 -9.40 -12.97 30.23
N THR B 68 -10.69 -12.74 30.48
CA THR B 68 -11.66 -13.82 30.61
C THR B 68 -12.94 -13.54 29.84
N PRO B 69 -13.63 -14.59 29.32
CA PRO B 69 -14.98 -14.43 28.80
C PRO B 69 -15.90 -13.76 29.81
N GLY B 70 -17.00 -13.21 29.32
CA GLY B 70 -18.01 -12.58 30.16
C GLY B 70 -18.88 -13.63 30.85
N THR B 71 -19.85 -13.11 31.61
CA THR B 71 -20.65 -13.93 32.50
C THR B 71 -21.33 -15.04 31.73
N GLY B 72 -21.14 -16.28 32.17
CA GLY B 72 -21.90 -17.40 31.64
C GLY B 72 -21.28 -18.02 30.39
N MET B 73 -20.16 -17.47 29.91
CA MET B 73 -19.60 -17.83 28.61
C MET B 73 -18.29 -18.56 28.82
N GLU B 74 -17.95 -19.41 27.85
CA GLU B 74 -16.60 -19.92 27.73
C GLU B 74 -16.19 -19.93 26.25
N LEU B 75 -14.90 -20.24 26.01
CA LEU B 75 -14.35 -20.45 24.69
C LEU B 75 -13.98 -21.92 24.50
N THR B 76 -14.41 -22.49 23.38
CA THR B 76 -13.95 -23.80 22.98
C THR B 76 -12.46 -23.74 22.62
N SER B 77 -11.86 -24.89 22.34
CA SER B 77 -10.44 -24.93 21.99
C SER B 77 -10.23 -24.49 20.54
N ASP B 78 -11.24 -24.58 19.66
CA ASP B 78 -11.16 -24.04 18.31
C ASP B 78 -11.82 -22.64 18.17
N GLY B 79 -11.95 -21.92 19.30
CA GLY B 79 -12.20 -20.49 19.32
C GLY B 79 -13.67 -20.04 19.40
N LYS B 80 -14.64 -20.96 19.53
CA LYS B 80 -16.04 -20.57 19.63
C LYS B 80 -16.42 -20.05 21.03
N LEU B 81 -17.28 -19.03 21.04
CA LEU B 81 -17.80 -18.42 22.27
C LEU B 81 -19.17 -19.02 22.53
N GLN B 82 -19.38 -19.59 23.72
CA GLN B 82 -20.55 -20.43 23.97
C GLN B 82 -20.92 -20.39 25.44
N VAL B 83 -22.12 -20.88 25.76
CA VAL B 83 -22.57 -20.87 27.15
C VAL B 83 -21.86 -21.96 27.93
N LYS B 84 -21.68 -21.70 29.22
CA LYS B 84 -21.09 -22.65 30.15
C LYS B 84 -22.20 -23.13 31.10
N ALA B 85 -22.72 -24.35 30.86
CA ALA B 85 -23.85 -24.91 31.58
C ALA B 85 -23.47 -25.46 32.95
N GLY B 86 -24.24 -25.05 33.96
CA GLY B 86 -24.07 -25.57 35.32
C GLY B 86 -25.27 -26.38 35.79
N ALA B 87 -25.40 -26.49 37.12
CA ALA B 87 -26.44 -27.30 37.73
C ALA B 87 -27.84 -26.87 37.25
N GLY B 88 -28.57 -27.87 36.75
CA GLY B 88 -29.94 -27.75 36.32
C GLY B 88 -30.10 -27.45 34.83
N VAL B 89 -29.00 -27.11 34.14
CA VAL B 89 -29.05 -26.64 32.76
C VAL B 89 -28.53 -27.71 31.83
N ASP B 90 -29.16 -27.83 30.67
CA ASP B 90 -28.81 -28.85 29.68
C ASP B 90 -28.82 -28.22 28.30
N ILE B 91 -28.17 -28.91 27.35
CA ILE B 91 -28.21 -28.57 25.94
C ILE B 91 -28.95 -29.67 25.21
N ASP B 92 -30.02 -29.34 24.49
CA ASP B 92 -30.80 -30.35 23.82
C ASP B 92 -30.15 -30.68 22.47
N ASN B 93 -30.85 -31.53 21.71
CA ASN B 93 -30.33 -32.10 20.49
C ASN B 93 -30.20 -31.04 19.41
N ASN B 94 -31.02 -29.98 19.43
CA ASN B 94 -30.89 -28.90 18.46
C ASN B 94 -30.04 -27.76 19.02
N ASN B 95 -29.18 -28.10 19.97
CA ASN B 95 -28.23 -27.16 20.55
C ASN B 95 -28.90 -26.05 21.38
N ARG B 96 -30.13 -26.25 21.85
CA ARG B 96 -30.86 -25.23 22.61
CA ARG B 96 -30.83 -25.22 22.60
C ARG B 96 -30.55 -25.37 24.09
N ILE B 97 -30.50 -24.25 24.82
CA ILE B 97 -30.35 -24.32 26.27
CA ILE B 97 -30.37 -24.29 26.27
C ILE B 97 -31.69 -24.73 26.88
N THR B 98 -31.66 -25.73 27.77
CA THR B 98 -32.87 -26.30 28.34
C THR B 98 -32.58 -26.70 29.79
N ILE B 99 -33.64 -27.20 30.44
CA ILE B 99 -33.58 -27.49 31.86
C ILE B 99 -33.50 -29.00 31.99
N LYS B 100 -32.67 -29.49 32.90
CA LYS B 100 -32.59 -30.92 33.13
C LYS B 100 -33.52 -31.29 34.29
N SER B 101 -34.54 -32.12 34.01
CA SER B 101 -35.55 -32.46 34.99
C SER B 101 -35.20 -33.75 35.74
N GLY B 102 -35.18 -33.66 37.07
CA GLY B 102 -35.22 -34.81 37.96
C GLY B 102 -36.64 -35.14 38.41
N HIS B 103 -36.76 -35.92 39.49
CA HIS B 103 -38.04 -36.46 39.97
C HIS B 103 -38.98 -35.34 40.42
N GLY B 104 -40.22 -35.46 39.97
CA GLY B 104 -41.27 -34.52 40.32
C GLY B 104 -41.45 -33.46 39.27
N ILE B 105 -40.50 -33.35 38.36
CA ILE B 105 -40.46 -32.22 37.45
C ILE B 105 -40.65 -32.73 36.02
N LYS B 106 -41.42 -31.97 35.24
CA LYS B 106 -41.56 -32.15 33.81
C LYS B 106 -41.17 -30.83 33.13
N VAL B 107 -40.46 -30.96 32.02
CA VAL B 107 -40.03 -29.80 31.23
C VAL B 107 -40.47 -30.01 29.79
N ASP B 108 -41.37 -29.16 29.30
CA ASP B 108 -41.84 -29.25 27.93
C ASP B 108 -42.12 -27.86 27.40
N GLY B 109 -42.99 -27.79 26.39
CA GLY B 109 -43.37 -26.54 25.74
C GLY B 109 -44.06 -25.56 26.68
N ASN B 110 -44.67 -26.06 27.76
CA ASN B 110 -45.37 -25.20 28.69
C ASN B 110 -44.40 -24.62 29.75
N GLY B 111 -43.14 -25.05 29.72
CA GLY B 111 -42.13 -24.59 30.67
C GLY B 111 -41.83 -25.70 31.68
N ILE B 112 -41.39 -25.29 32.88
CA ILE B 112 -41.08 -26.21 33.94
C ILE B 112 -42.37 -26.38 34.71
N SER B 113 -42.82 -27.61 34.87
CA SER B 113 -44.02 -27.86 35.67
C SER B 113 -43.77 -28.99 36.65
N VAL B 114 -44.76 -29.23 37.51
CA VAL B 114 -44.68 -30.31 38.49
C VAL B 114 -45.38 -31.50 37.87
N LYS B 115 -44.68 -32.65 37.83
CA LYS B 115 -45.27 -33.90 37.39
C LYS B 115 -46.17 -34.46 38.49
N PRO B 116 -47.51 -34.50 38.26
CA PRO B 116 -48.44 -35.07 39.23
C PRO B 116 -48.43 -36.59 39.34
N GLY B 117 -48.34 -37.09 40.54
CA GLY B 117 -48.52 -38.51 40.76
C GLY B 117 -49.82 -38.78 41.51
N SER B 118 -49.77 -39.86 42.27
CA SER B 118 -50.92 -40.31 43.02
C SER B 118 -51.33 -39.30 44.09
N GLY B 119 -52.56 -38.83 44.01
CA GLY B 119 -53.18 -38.01 45.04
C GLY B 119 -52.88 -36.52 44.88
N ILE B 120 -52.31 -36.18 43.73
CA ILE B 120 -51.89 -34.84 43.37
C ILE B 120 -52.49 -34.46 42.01
N LYS B 121 -53.02 -33.22 41.96
CA LYS B 121 -53.36 -32.55 40.71
C LYS B 121 -52.69 -31.19 40.66
N VAL B 122 -52.10 -30.92 39.53
CA VAL B 122 -51.41 -29.68 39.25
C VAL B 122 -52.29 -28.86 38.30
N ASP B 123 -52.41 -27.56 38.56
CA ASP B 123 -53.18 -26.63 37.74
C ASP B 123 -52.64 -25.23 37.98
N SER B 124 -53.35 -24.20 37.52
CA SER B 124 -52.82 -22.84 37.65
C SER B 124 -52.70 -22.39 39.12
N ASN B 125 -53.51 -22.96 40.03
CA ASN B 125 -53.41 -22.63 41.45
C ASN B 125 -52.17 -23.29 42.09
N GLY B 126 -51.65 -24.34 41.45
CA GLY B 126 -50.37 -24.93 41.80
C GLY B 126 -50.52 -26.42 42.00
N VAL B 127 -49.78 -26.93 42.99
CA VAL B 127 -49.85 -28.31 43.38
C VAL B 127 -50.99 -28.41 44.39
N ASN B 128 -51.90 -29.35 44.14
CA ASN B 128 -53.09 -29.60 44.93
C ASN B 128 -53.15 -31.07 45.27
N VAL B 129 -53.78 -31.32 46.40
CA VAL B 129 -54.13 -32.66 46.81
C VAL B 129 -55.45 -33.06 46.13
N ASN B 130 -55.44 -34.29 45.59
CA ASN B 130 -56.63 -34.91 45.04
C ASN B 130 -57.01 -36.12 45.87
N ILE B 131 -58.02 -36.00 46.69
CA ILE B 131 -58.39 -37.03 47.62
C ILE B 131 -58.98 -38.26 46.91
N ASP B 132 -59.44 -38.14 45.66
CA ASP B 132 -60.01 -39.28 44.93
C ASP B 132 -59.08 -40.48 44.93
N ASP B 133 -57.79 -40.21 44.92
CA ASP B 133 -56.80 -41.26 44.77
C ASP B 133 -56.53 -42.00 46.08
N PHE B 134 -56.94 -41.49 47.26
CA PHE B 134 -56.49 -42.11 48.52
C PHE B 134 -57.52 -42.10 49.66
N TRP B 135 -58.72 -41.51 49.51
CA TRP B 135 -59.60 -41.33 50.65
C TRP B 135 -60.14 -42.67 51.10
N GLU B 136 -60.35 -43.59 50.16
CA GLU B 136 -60.79 -44.92 50.52
C GLU B 136 -59.75 -45.66 51.38
N GLU B 137 -58.46 -45.51 51.07
CA GLU B 137 -57.39 -46.16 51.82
CA GLU B 137 -57.38 -46.14 51.81
CA GLU B 137 -57.43 -46.19 51.84
C GLU B 137 -57.35 -45.60 53.25
N ILE B 138 -57.64 -44.29 53.40
CA ILE B 138 -57.63 -43.68 54.70
C ILE B 138 -58.82 -44.25 55.46
N ARG B 139 -59.98 -44.31 54.80
CA ARG B 139 -61.17 -44.85 55.42
C ARG B 139 -60.90 -46.25 55.95
N ASN B 140 -60.26 -47.08 55.12
CA ASN B 140 -60.02 -48.48 55.43
C ASN B 140 -59.03 -48.63 56.60
N LYS B 141 -58.14 -47.66 56.80
CA LYS B 141 -57.25 -47.66 57.96
C LYS B 141 -57.99 -47.26 59.23
N ILE B 142 -59.18 -46.67 59.07
CA ILE B 142 -59.93 -46.23 60.24
C ILE B 142 -61.04 -47.24 60.55
N MET B 143 -61.78 -47.65 59.53
CA MET B 143 -62.97 -48.45 59.75
C MET B 143 -62.81 -49.76 59.00
N PRO B 144 -62.83 -50.91 59.68
CA PRO B 144 -62.75 -52.19 59.00
C PRO B 144 -64.04 -52.56 58.25
N LYS B 145 -63.86 -53.43 57.27
CA LYS B 145 -64.94 -54.21 56.69
C LYS B 145 -65.72 -54.86 57.83
N GLY B 146 -67.05 -54.80 57.77
CA GLY B 146 -67.91 -55.29 58.83
C GLY B 146 -68.42 -54.18 59.77
N THR B 147 -67.80 -53.00 59.69
CA THR B 147 -68.26 -51.89 60.53
C THR B 147 -69.71 -51.59 60.18
N MET B 148 -70.54 -51.45 61.22
CA MET B 148 -71.91 -51.04 61.12
C MET B 148 -72.11 -49.66 61.74
N LEU B 149 -72.87 -48.80 61.07
CA LEU B 149 -73.20 -47.47 61.58
C LEU B 149 -74.69 -47.26 61.50
N PRO B 150 -75.27 -46.66 62.56
CA PRO B 150 -76.66 -46.25 62.52
C PRO B 150 -76.86 -44.85 61.94
N ILE B 151 -77.86 -44.70 61.05
CA ILE B 151 -78.21 -43.42 60.45
C ILE B 151 -79.59 -43.05 60.87
N TYR B 152 -79.70 -41.87 61.45
CA TYR B 152 -80.96 -41.33 61.88
C TYR B 152 -81.59 -40.62 60.69
N GLY B 153 -82.77 -41.08 60.27
CA GLY B 153 -83.56 -40.41 59.23
C GLY B 153 -84.88 -39.85 59.74
N THR B 154 -85.11 -38.57 59.50
CA THR B 154 -86.25 -37.90 60.09
C THR B 154 -87.51 -38.56 59.57
N PRO B 155 -87.71 -38.82 58.25
CA PRO B 155 -88.15 -40.15 57.81
C PRO B 155 -87.09 -41.00 57.11
N ASN B 156 -86.34 -40.42 56.20
CA ASN B 156 -85.44 -41.18 55.35
C ASN B 156 -84.00 -40.98 55.82
N PRO B 157 -83.15 -42.02 55.71
CA PRO B 157 -81.73 -41.86 56.01
C PRO B 157 -81.07 -41.13 54.86
N SER B 158 -79.95 -40.45 55.11
CA SER B 158 -79.08 -39.93 54.07
C SER B 158 -78.72 -41.09 53.15
N ALA B 159 -78.12 -40.77 52.00
CA ALA B 159 -77.76 -41.78 51.02
C ALA B 159 -76.49 -42.49 51.46
N LEU B 160 -76.35 -43.73 51.00
CA LEU B 160 -75.23 -44.59 51.27
C LEU B 160 -73.96 -44.01 50.68
N PRO B 161 -72.90 -43.80 51.48
CA PRO B 161 -71.59 -43.49 50.90
C PRO B 161 -71.03 -44.72 50.19
N THR B 162 -70.06 -44.48 49.33
CA THR B 162 -69.44 -45.51 48.55
C THR B 162 -68.78 -46.48 49.51
N GLY B 163 -69.12 -47.76 49.28
CA GLY B 163 -68.52 -48.90 49.97
C GLY B 163 -69.45 -49.45 51.03
N TRP B 164 -70.63 -48.84 51.22
CA TRP B 164 -71.58 -49.27 52.23
C TRP B 164 -72.89 -49.78 51.60
N GLU B 165 -73.65 -50.56 52.37
CA GLU B 165 -74.94 -51.10 52.03
C GLU B 165 -75.82 -51.13 53.26
N TRP B 166 -77.13 -51.12 53.05
CA TRP B 166 -78.10 -51.31 54.12
C TRP B 166 -78.04 -52.74 54.63
N CYS B 167 -78.38 -52.90 55.93
CA CYS B 167 -78.41 -54.19 56.60
C CYS B 167 -79.76 -54.88 56.37
N ASP B 168 -79.91 -55.45 55.17
CA ASP B 168 -81.17 -56.00 54.71
C ASP B 168 -81.06 -57.49 54.40
N GLY B 169 -80.09 -58.18 54.99
CA GLY B 169 -80.05 -59.62 54.91
C GLY B 169 -79.53 -60.20 53.58
N LYS B 170 -79.18 -59.37 52.58
CA LYS B 170 -78.73 -59.85 51.28
CA LYS B 170 -78.73 -59.86 51.29
C LYS B 170 -77.22 -60.04 51.30
N ASP B 171 -76.73 -60.97 50.47
CA ASP B 171 -75.30 -61.24 50.28
C ASP B 171 -74.54 -61.34 51.60
N GLY B 172 -75.17 -61.96 52.61
CA GLY B 172 -74.47 -62.28 53.84
C GLY B 172 -74.51 -61.11 54.82
N ARG B 173 -75.26 -60.07 54.45
CA ARG B 173 -75.35 -58.89 55.28
C ARG B 173 -76.28 -59.23 56.42
N PRO B 174 -76.07 -58.60 57.59
CA PRO B 174 -77.02 -58.71 58.69
C PRO B 174 -78.39 -58.23 58.22
N ASN B 175 -79.42 -58.89 58.76
CA ASN B 175 -80.79 -58.56 58.45
C ASN B 175 -81.45 -57.90 59.65
N LEU B 176 -81.65 -56.59 59.59
CA LEU B 176 -82.07 -55.83 60.76
C LEU B 176 -83.50 -55.37 60.61
N LYS B 177 -84.26 -56.08 59.79
CA LYS B 177 -85.68 -55.79 59.66
CA LYS B 177 -85.68 -55.79 59.72
C LYS B 177 -86.49 -57.06 59.95
N LYS B 178 -85.83 -58.18 60.29
CA LYS B 178 -86.57 -59.40 60.61
CA LYS B 178 -86.55 -59.40 60.63
C LYS B 178 -87.75 -59.09 61.53
N GLY B 179 -87.55 -58.27 62.58
CA GLY B 179 -88.61 -58.00 63.55
C GLY B 179 -88.96 -56.51 63.67
N LYS B 180 -89.78 -56.18 64.63
CA LYS B 180 -89.98 -54.77 64.89
C LYS B 180 -88.92 -54.21 65.87
N TYR B 181 -88.07 -55.06 66.45
CA TYR B 181 -86.98 -54.64 67.30
C TYR B 181 -85.76 -55.44 66.87
N ASN B 182 -84.70 -54.70 66.50
CA ASN B 182 -83.48 -55.26 65.98
C ASN B 182 -82.31 -54.54 66.63
N LEU B 183 -81.72 -55.16 67.67
CA LEU B 183 -80.75 -54.55 68.57
C LEU B 183 -79.39 -55.19 68.36
N LEU B 184 -78.32 -54.42 68.47
CA LEU B 184 -77.01 -55.05 68.46
C LEU B 184 -76.58 -55.37 69.88
N SER B 185 -75.81 -56.44 70.01
CA SER B 185 -75.30 -56.88 71.28
C SER B 185 -73.88 -57.35 71.16
N GLY B 186 -73.11 -56.96 72.19
CA GLY B 186 -71.74 -57.38 72.33
C GLY B 186 -71.70 -58.84 72.80
N GLN B 187 -70.97 -59.56 72.00
CA GLN B 187 -69.54 -59.65 71.90
C GLN B 187 -69.31 -61.02 71.28
N SER B 188 -69.94 -61.20 70.11
CA SER B 188 -69.97 -62.49 69.47
C SER B 188 -70.46 -62.35 68.03
N SER B 189 -70.62 -63.51 67.36
CA SER B 189 -71.31 -63.58 66.09
C SER B 189 -72.55 -64.42 66.29
N GLY B 190 -73.51 -64.29 65.37
CA GLY B 190 -74.79 -64.96 65.48
C GLY B 190 -75.90 -64.01 65.88
N THR B 191 -77.04 -64.63 66.21
CA THR B 191 -78.34 -64.02 66.35
C THR B 191 -79.09 -64.78 67.45
N ASP B 192 -80.13 -64.18 67.99
CA ASP B 192 -80.88 -64.80 69.05
C ASP B 192 -82.04 -63.88 69.29
N THR B 193 -82.95 -64.29 70.16
CA THR B 193 -84.10 -63.49 70.53
C THR B 193 -84.36 -63.65 72.02
N PHE B 194 -85.10 -62.68 72.56
CA PHE B 194 -85.64 -62.77 73.91
C PHE B 194 -86.90 -61.97 73.86
N TRP B 195 -87.73 -62.11 74.89
CA TRP B 195 -89.09 -61.62 74.88
C TRP B 195 -89.24 -60.60 75.98
N ALA B 196 -89.94 -59.51 75.65
CA ALA B 196 -90.25 -58.50 76.63
C ALA B 196 -91.74 -58.39 76.58
N ASP B 197 -92.27 -57.32 77.15
CA ASP B 197 -93.69 -57.06 77.04
C ASP B 197 -93.89 -55.69 76.42
N ASN B 198 -95.06 -55.54 75.80
CA ASN B 198 -95.47 -54.36 75.08
C ASN B 198 -96.15 -53.38 76.04
N LYS B 199 -96.70 -53.87 77.18
CA LYS B 199 -97.48 -53.04 78.10
C LYS B 199 -97.20 -53.36 79.58
N ASN B 200 -96.76 -54.59 79.91
CA ASN B 200 -96.66 -55.03 81.30
CA ASN B 200 -96.68 -55.10 81.28
C ASN B 200 -95.23 -55.41 81.67
N GLY B 201 -94.86 -54.97 82.88
CA GLY B 201 -93.52 -55.04 83.41
C GLY B 201 -93.34 -53.88 84.37
N ASP B 202 -92.16 -53.71 84.95
CA ASP B 202 -91.99 -52.63 85.91
C ASP B 202 -91.00 -51.60 85.38
N THR B 203 -90.30 -51.87 84.27
CA THR B 203 -89.26 -50.97 83.78
CA THR B 203 -89.26 -50.97 83.78
C THR B 203 -89.46 -50.74 82.28
N GLU B 204 -89.71 -49.48 81.91
CA GLU B 204 -89.87 -49.05 80.53
C GLU B 204 -88.52 -48.82 79.83
N ILE B 205 -88.34 -49.41 78.65
CA ILE B 205 -87.19 -49.23 77.80
C ILE B 205 -87.61 -48.38 76.60
N ASN B 206 -86.86 -47.30 76.34
CA ASN B 206 -87.10 -46.42 75.21
C ASN B 206 -86.26 -46.88 74.04
N VAL B 207 -86.86 -46.81 72.85
CA VAL B 207 -86.20 -47.21 71.63
C VAL B 207 -86.30 -46.10 70.57
N LEU B 208 -85.14 -45.78 69.98
CA LEU B 208 -85.05 -44.97 68.79
C LEU B 208 -84.71 -45.85 67.60
N PHE B 209 -85.53 -45.75 66.55
CA PHE B 209 -85.28 -46.49 65.32
C PHE B 209 -84.31 -45.71 64.44
N VAL B 210 -83.36 -46.44 63.89
CA VAL B 210 -82.38 -45.95 62.95
C VAL B 210 -82.30 -46.92 61.78
N TYR B 211 -81.52 -46.56 60.77
CA TYR B 211 -81.16 -47.47 59.68
C TYR B 211 -79.66 -47.76 59.75
N TYR B 212 -79.32 -49.04 59.92
CA TYR B 212 -77.94 -49.43 60.00
C TYR B 212 -77.43 -49.74 58.61
N MET B 213 -76.25 -49.19 58.31
CA MET B 213 -75.50 -49.61 57.17
C MET B 213 -74.26 -50.37 57.64
N ILE B 214 -73.64 -51.10 56.70
CA ILE B 214 -72.48 -51.92 56.95
C ILE B 214 -71.47 -51.64 55.87
N LYS B 215 -70.19 -51.63 56.26
CA LYS B 215 -69.13 -51.42 55.29
C LYS B 215 -68.83 -52.76 54.62
N VAL B 216 -68.94 -52.85 53.27
CA VAL B 216 -68.79 -54.14 52.59
C VAL B 216 -67.46 -54.24 51.84
N VAL B 217 -66.59 -53.26 52.01
CA VAL B 217 -65.22 -53.30 51.51
C VAL B 217 -64.25 -52.96 52.66
N ARG C 18 23.14 -0.46 -12.41
CA ARG C 18 22.24 -1.41 -13.12
C ARG C 18 22.31 -1.10 -14.62
N ALA C 19 22.56 -2.14 -15.43
CA ALA C 19 22.71 -2.00 -16.86
C ALA C 19 21.34 -1.76 -17.49
N VAL C 20 21.21 -0.64 -18.20
CA VAL C 20 19.92 -0.07 -18.55
CA VAL C 20 19.94 -0.04 -18.60
C VAL C 20 19.14 -1.00 -19.48
N GLY C 21 19.86 -1.89 -20.19
CA GLY C 21 19.22 -2.90 -21.04
C GLY C 21 18.30 -3.88 -20.29
N GLU C 22 18.65 -4.19 -19.02
CA GLU C 22 17.86 -5.07 -18.15
C GLU C 22 16.47 -4.50 -17.83
N ILE C 23 16.33 -3.17 -17.76
CA ILE C 23 15.15 -2.55 -17.20
C ILE C 23 13.97 -2.76 -18.15
N PRO C 24 12.78 -3.13 -17.65
CA PRO C 24 11.65 -3.38 -18.55
C PRO C 24 11.13 -2.13 -19.24
N SER C 25 10.30 -2.33 -20.27
CA SER C 25 9.65 -1.22 -20.92
C SER C 25 8.72 -0.52 -19.93
N ALA C 26 8.55 0.79 -20.15
CA ALA C 26 7.53 1.57 -19.51
C ALA C 26 6.23 0.77 -19.43
N ASP C 27 5.75 0.31 -20.59
CA ASP C 27 4.44 -0.29 -20.69
C ASP C 27 4.39 -1.57 -19.86
N ASN C 28 5.47 -2.36 -19.90
CA ASN C 28 5.53 -3.56 -19.10
C ASN C 28 5.32 -3.21 -17.62
N LEU C 29 6.06 -2.19 -17.14
CA LEU C 29 6.01 -1.73 -15.75
C LEU C 29 4.61 -1.22 -15.42
N LYS C 30 4.04 -0.48 -16.35
CA LYS C 30 2.70 0.04 -16.15
C LYS C 30 1.72 -1.12 -15.92
N ASN C 31 1.87 -2.24 -16.66
CA ASN C 31 0.92 -3.35 -16.56
C ASN C 31 1.13 -4.13 -15.27
N ARG C 32 2.39 -4.29 -14.86
CA ARG C 32 2.73 -4.90 -13.59
C ARG C 32 2.03 -4.19 -12.41
N PHE C 33 2.06 -2.85 -12.38
CA PHE C 33 1.40 -2.06 -11.34
C PHE C 33 -0.11 -2.17 -11.48
N LYS C 34 -0.64 -2.00 -12.69
CA LYS C 34 -2.07 -1.97 -12.89
C LYS C 34 -2.74 -3.33 -12.63
N ALA C 35 -1.99 -4.43 -12.79
CA ALA C 35 -2.56 -5.75 -12.65
C ALA C 35 -2.87 -6.07 -11.18
N ARG C 36 -2.24 -5.34 -10.27
CA ARG C 36 -2.46 -5.56 -8.84
C ARG C 36 -3.73 -4.86 -8.35
N SER C 37 -4.28 -3.89 -9.10
CA SER C 37 -5.39 -3.11 -8.61
C SER C 37 -6.52 -3.98 -8.06
N ILE C 38 -7.15 -4.78 -8.94
CA ILE C 38 -8.37 -5.49 -8.59
CA ILE C 38 -8.36 -5.52 -8.63
C ILE C 38 -8.07 -6.60 -7.59
N PRO C 39 -6.99 -7.38 -7.73
CA PRO C 39 -6.54 -8.23 -6.62
C PRO C 39 -6.44 -7.52 -5.26
N LEU C 40 -5.93 -6.28 -5.25
CA LEU C 40 -5.81 -5.51 -4.01
C LEU C 40 -7.21 -5.17 -3.46
N GLU C 41 -8.10 -4.64 -4.33
CA GLU C 41 -9.47 -4.31 -3.96
C GLU C 41 -10.18 -5.54 -3.40
N THR C 42 -9.99 -6.70 -4.05
CA THR C 42 -10.60 -7.93 -3.60
C THR C 42 -10.10 -8.26 -2.21
N ASP C 43 -8.80 -8.11 -1.97
CA ASP C 43 -8.23 -8.45 -0.68
C ASP C 43 -8.73 -7.50 0.41
N PHE C 44 -8.78 -6.19 0.13
CA PHE C 44 -9.26 -5.26 1.14
C PHE C 44 -10.76 -5.49 1.39
N THR C 45 -11.53 -5.72 0.33
CA THR C 45 -12.93 -6.06 0.46
C THR C 45 -13.10 -7.24 1.43
N ASN C 46 -12.41 -8.33 1.16
CA ASN C 46 -12.51 -9.51 1.99
C ASN C 46 -12.06 -9.22 3.42
N LEU C 47 -10.99 -8.46 3.60
CA LEU C 47 -10.48 -8.26 4.93
C LEU C 47 -11.43 -7.36 5.73
N ILE C 48 -12.13 -6.44 5.05
CA ILE C 48 -13.01 -5.56 5.78
C ILE C 48 -14.24 -6.36 6.19
N ASP C 49 -14.72 -7.23 5.30
CA ASP C 49 -15.90 -8.04 5.54
C ASP C 49 -15.60 -8.99 6.70
N LEU C 50 -14.38 -9.48 6.76
CA LEU C 50 -13.97 -10.40 7.81
C LEU C 50 -13.98 -9.67 9.16
N ALA C 51 -13.43 -8.46 9.17
CA ALA C 51 -13.44 -7.59 10.35
C ALA C 51 -14.87 -7.32 10.83
N GLU C 52 -15.79 -7.09 9.88
CA GLU C 52 -17.17 -6.72 10.18
C GLU C 52 -17.92 -7.82 10.95
N VAL C 53 -17.41 -9.06 10.95
CA VAL C 53 -18.12 -10.21 11.49
C VAL C 53 -18.36 -10.02 12.99
N GLY C 54 -17.34 -9.54 13.70
CA GLY C 54 -17.37 -9.41 15.15
C GLY C 54 -18.32 -8.30 15.63
N ARG C 55 -18.49 -7.26 14.81
CA ARG C 55 -19.39 -6.16 15.11
C ARG C 55 -20.83 -6.56 14.79
N LEU C 56 -21.00 -7.41 13.77
CA LEU C 56 -22.30 -7.99 13.54
C LEU C 56 -22.68 -8.89 14.72
N ALA C 57 -21.72 -9.67 15.23
CA ALA C 57 -22.00 -10.66 16.25
C ALA C 57 -22.55 -9.99 17.51
N ILE C 58 -22.09 -8.76 17.80
CA ILE C 58 -22.44 -8.08 19.02
C ILE C 58 -23.63 -7.16 18.79
N GLY C 59 -24.17 -7.15 17.57
CA GLY C 59 -25.36 -6.37 17.25
C GLY C 59 -25.11 -4.86 17.19
N GLN C 60 -23.90 -4.44 16.75
CA GLN C 60 -23.47 -3.05 16.80
C GLN C 60 -23.10 -2.53 15.42
N SER C 61 -23.71 -3.11 14.38
CA SER C 61 -23.31 -2.83 13.01
C SER C 61 -24.28 -1.84 12.40
N PRO C 62 -23.77 -0.76 11.75
CA PRO C 62 -24.61 0.18 11.01
C PRO C 62 -25.57 -0.44 10.01
N SER C 63 -25.33 -1.70 9.62
CA SER C 63 -26.20 -2.36 8.66
C SER C 63 -27.33 -3.15 9.33
N GLN C 64 -27.35 -3.23 10.65
CA GLN C 64 -28.40 -3.93 11.37
C GLN C 64 -29.50 -2.94 11.78
N GLN C 65 -30.77 -3.33 11.55
CA GLN C 65 -31.97 -2.56 11.88
C GLN C 65 -31.95 -2.03 13.32
N SER C 66 -31.62 -2.95 14.24
CA SER C 66 -31.62 -2.67 15.66
C SER C 66 -30.21 -2.88 16.21
N LYS C 67 -29.55 -1.79 16.63
CA LYS C 67 -28.18 -1.89 17.12
C LYS C 67 -28.20 -2.44 18.54
N THR C 68 -28.66 -3.68 18.70
CA THR C 68 -28.80 -4.26 20.03
C THR C 68 -28.28 -5.69 20.00
N PRO C 69 -27.67 -6.17 21.10
CA PRO C 69 -27.28 -7.56 21.19
C PRO C 69 -28.50 -8.46 21.03
N GLY C 70 -28.26 -9.70 20.58
CA GLY C 70 -29.33 -10.65 20.36
C GLY C 70 -29.89 -11.21 21.67
N THR C 71 -30.93 -12.03 21.50
CA THR C 71 -31.68 -12.61 22.58
C THR C 71 -30.76 -13.17 23.64
N GLY C 72 -30.84 -12.60 24.85
CA GLY C 72 -30.24 -13.19 26.04
C GLY C 72 -28.87 -12.62 26.35
N MET C 73 -28.42 -11.67 25.53
CA MET C 73 -27.04 -11.22 25.58
C MET C 73 -26.97 -9.75 25.99
N GLU C 74 -25.83 -9.39 26.58
CA GLU C 74 -25.49 -7.98 26.72
C GLU C 74 -24.00 -7.76 26.48
N LEU C 75 -23.60 -6.49 26.33
CA LEU C 75 -22.20 -6.13 26.26
C LEU C 75 -21.78 -5.53 27.59
N THR C 76 -20.63 -5.96 28.15
CA THR C 76 -20.03 -5.22 29.23
C THR C 76 -19.48 -3.91 28.70
N SER C 77 -19.02 -3.07 29.63
CA SER C 77 -18.52 -1.74 29.29
C SER C 77 -17.16 -1.83 28.59
N ASP C 78 -16.38 -2.90 28.84
CA ASP C 78 -15.14 -3.14 28.10
C ASP C 78 -15.37 -4.09 26.92
N GLY C 79 -16.62 -4.18 26.44
CA GLY C 79 -16.95 -4.83 25.18
C GLY C 79 -17.01 -6.36 25.16
N LYS C 80 -17.08 -7.02 26.33
CA LYS C 80 -17.26 -8.47 26.34
C LYS C 80 -18.73 -8.77 26.04
N LEU C 81 -18.99 -9.86 25.30
CA LEU C 81 -20.33 -10.30 24.95
C LEU C 81 -20.71 -11.43 25.90
N GLN C 82 -21.83 -11.28 26.61
CA GLN C 82 -22.12 -12.18 27.71
C GLN C 82 -23.61 -12.38 27.87
N VAL C 83 -23.92 -13.39 28.70
CA VAL C 83 -25.29 -13.76 29.03
C VAL C 83 -25.87 -12.76 30.02
N LYS C 84 -27.14 -12.44 29.82
CA LYS C 84 -27.91 -11.57 30.68
C LYS C 84 -28.97 -12.41 31.43
N ALA C 85 -28.69 -12.77 32.68
CA ALA C 85 -29.54 -13.64 33.49
C ALA C 85 -30.71 -12.90 34.14
N GLY C 86 -31.90 -13.52 34.05
CA GLY C 86 -33.10 -13.05 34.70
C GLY C 86 -33.62 -14.04 35.73
N ALA C 87 -34.92 -13.95 36.01
CA ALA C 87 -35.59 -14.70 37.04
C ALA C 87 -35.30 -16.21 36.92
N GLY C 88 -34.73 -16.79 37.99
CA GLY C 88 -34.55 -18.22 38.14
C GLY C 88 -33.18 -18.69 37.69
N VAL C 89 -32.43 -17.76 37.09
CA VAL C 89 -31.12 -18.04 36.52
C VAL C 89 -30.04 -17.32 37.31
N ASP C 90 -28.99 -18.05 37.61
CA ASP C 90 -27.85 -17.54 38.35
C ASP C 90 -26.56 -17.96 37.65
N ILE C 91 -25.50 -17.24 38.02
CA ILE C 91 -24.15 -17.55 37.60
C ILE C 91 -23.39 -18.04 38.82
N ASP C 92 -22.80 -19.25 38.74
CA ASP C 92 -22.08 -19.83 39.85
C ASP C 92 -20.65 -19.28 39.88
N ASN C 93 -19.85 -19.74 40.85
CA ASN C 93 -18.52 -19.21 41.09
C ASN C 93 -17.58 -19.48 39.93
N ASN C 94 -17.85 -20.58 39.22
CA ASN C 94 -17.14 -20.97 38.02
C ASN C 94 -17.76 -20.35 36.77
N ASN C 95 -18.61 -19.32 36.93
CA ASN C 95 -19.15 -18.57 35.80
C ASN C 95 -20.05 -19.44 34.93
N ARG C 96 -20.66 -20.48 35.52
CA ARG C 96 -21.59 -21.36 34.82
CA ARG C 96 -21.57 -21.35 34.81
C ARG C 96 -23.01 -20.89 35.07
N ILE C 97 -23.88 -21.05 34.03
CA ILE C 97 -25.30 -20.74 34.12
C ILE C 97 -26.00 -21.84 34.91
N THR C 98 -26.70 -21.46 35.98
CA THR C 98 -27.30 -22.36 36.94
CA THR C 98 -27.35 -22.43 36.84
C THR C 98 -28.70 -21.88 37.29
N ILE C 99 -29.53 -22.78 37.81
CA ILE C 99 -30.84 -22.41 38.28
C ILE C 99 -30.75 -21.98 39.74
N LYS C 100 -31.44 -20.91 40.11
CA LYS C 100 -31.62 -20.52 41.49
C LYS C 100 -32.90 -21.16 42.03
N SER C 101 -32.80 -21.80 43.21
CA SER C 101 -33.90 -22.60 43.71
C SER C 101 -34.40 -22.07 45.06
N GLY C 102 -35.72 -22.11 45.22
CA GLY C 102 -36.40 -21.73 46.43
C GLY C 102 -37.11 -22.93 47.02
N HIS C 103 -38.15 -22.65 47.84
CA HIS C 103 -38.79 -23.71 48.60
C HIS C 103 -39.44 -24.74 47.67
N GLY C 104 -39.24 -26.01 48.00
CA GLY C 104 -39.90 -27.08 47.29
C GLY C 104 -39.05 -27.70 46.19
N ILE C 105 -37.93 -27.06 45.86
CA ILE C 105 -37.10 -27.46 44.73
C ILE C 105 -35.67 -27.75 45.19
N LYS C 106 -35.05 -28.77 44.60
CA LYS C 106 -33.64 -29.09 44.71
C LYS C 106 -32.99 -29.10 43.34
N VAL C 107 -31.78 -28.57 43.27
CA VAL C 107 -30.99 -28.57 42.05
C VAL C 107 -29.68 -29.28 42.33
N ASP C 108 -29.39 -30.31 41.54
CA ASP C 108 -28.20 -31.12 41.74
C ASP C 108 -27.90 -31.88 40.43
N GLY C 109 -27.11 -32.96 40.55
CA GLY C 109 -26.56 -33.66 39.40
C GLY C 109 -27.66 -34.30 38.57
N ASN C 110 -28.77 -34.62 39.24
CA ASN C 110 -29.95 -35.14 38.58
C ASN C 110 -30.79 -34.03 37.99
N GLY C 111 -30.44 -32.79 38.31
CA GLY C 111 -31.15 -31.64 37.75
C GLY C 111 -32.11 -31.08 38.78
N ILE C 112 -33.25 -30.55 38.28
CA ILE C 112 -34.23 -29.92 39.13
C ILE C 112 -35.22 -31.00 39.55
N SER C 113 -35.41 -31.18 40.85
CA SER C 113 -36.38 -32.10 41.37
C SER C 113 -37.21 -31.40 42.45
N VAL C 114 -38.31 -32.06 42.81
CA VAL C 114 -39.18 -31.59 43.88
C VAL C 114 -38.69 -32.19 45.19
N LYS C 115 -38.61 -31.33 46.20
CA LYS C 115 -38.20 -31.75 47.52
C LYS C 115 -39.42 -32.16 48.35
N PRO C 116 -39.51 -33.43 48.78
CA PRO C 116 -40.66 -33.91 49.52
C PRO C 116 -40.63 -33.53 50.97
N GLY C 117 -41.78 -33.07 51.44
CA GLY C 117 -41.98 -32.70 52.83
C GLY C 117 -42.88 -33.73 53.48
N SER C 118 -43.59 -33.28 54.49
CA SER C 118 -44.52 -34.15 55.20
C SER C 118 -45.69 -34.59 54.30
N GLY C 119 -45.91 -35.88 54.14
CA GLY C 119 -47.07 -36.43 53.47
C GLY C 119 -46.90 -36.51 51.97
N ILE C 120 -45.66 -36.27 51.53
CA ILE C 120 -45.29 -36.28 50.13
C ILE C 120 -44.13 -37.26 49.89
N LYS C 121 -44.25 -38.05 48.82
CA LYS C 121 -43.17 -38.89 48.31
C LYS C 121 -42.94 -38.46 46.87
N VAL C 122 -41.69 -38.19 46.50
CA VAL C 122 -41.35 -37.87 45.11
C VAL C 122 -40.56 -39.03 44.50
N ASP C 123 -40.96 -39.50 43.31
CA ASP C 123 -40.32 -40.64 42.65
C ASP C 123 -40.51 -40.45 41.15
N SER C 124 -40.33 -41.52 40.36
CA SER C 124 -40.42 -41.42 38.90
C SER C 124 -41.86 -41.25 38.43
N ASN C 125 -42.85 -41.59 39.25
CA ASN C 125 -44.23 -41.29 38.89
C ASN C 125 -44.58 -39.82 39.12
N GLY C 126 -43.78 -39.10 39.90
CA GLY C 126 -44.02 -37.69 40.12
C GLY C 126 -44.11 -37.40 41.61
N VAL C 127 -44.90 -36.38 41.93
CA VAL C 127 -45.18 -35.98 43.29
C VAL C 127 -46.40 -36.77 43.72
N ASN C 128 -46.26 -37.57 44.79
CA ASN C 128 -47.31 -38.41 45.36
C ASN C 128 -47.61 -38.00 46.79
N VAL C 129 -48.85 -38.26 47.21
CA VAL C 129 -49.22 -38.18 48.59
C VAL C 129 -48.77 -39.45 49.30
N ASN C 130 -48.18 -39.30 50.48
CA ASN C 130 -47.94 -40.44 51.35
C ASN C 130 -48.78 -40.30 52.62
N ILE C 131 -49.87 -41.07 52.73
CA ILE C 131 -50.81 -40.95 53.84
C ILE C 131 -50.24 -41.39 55.19
N ASP C 132 -49.16 -42.18 55.24
CA ASP C 132 -48.61 -42.67 56.51
C ASP C 132 -48.31 -41.48 57.42
N ASP C 133 -47.99 -40.33 56.83
CA ASP C 133 -47.62 -39.16 57.60
C ASP C 133 -48.79 -38.41 58.21
N PHE C 134 -50.04 -38.63 57.79
CA PHE C 134 -51.11 -37.74 58.29
C PHE C 134 -52.45 -38.43 58.49
N TRP C 135 -52.62 -39.72 58.13
CA TRP C 135 -53.94 -40.31 58.20
C TRP C 135 -54.44 -40.36 59.64
N GLU C 136 -53.52 -40.45 60.62
CA GLU C 136 -53.91 -40.53 62.02
C GLU C 136 -54.47 -39.19 62.51
N GLU C 137 -53.87 -38.08 62.09
N GLU C 137 -53.94 -38.06 62.05
CA GLU C 137 -54.42 -36.76 62.37
CA GLU C 137 -54.48 -36.78 62.48
C GLU C 137 -55.88 -36.71 61.92
C GLU C 137 -55.83 -36.52 61.81
N ILE C 138 -56.14 -37.20 60.69
CA ILE C 138 -57.47 -37.11 60.08
C ILE C 138 -58.47 -37.94 60.89
N ARG C 139 -58.11 -39.19 61.19
CA ARG C 139 -58.92 -40.03 62.06
C ARG C 139 -59.25 -39.32 63.37
N ASN C 140 -58.29 -38.64 64.02
CA ASN C 140 -58.52 -38.01 65.29
C ASN C 140 -59.47 -36.81 65.17
N LYS C 141 -59.45 -36.13 64.04
CA LYS C 141 -60.39 -35.06 63.74
C LYS C 141 -61.81 -35.59 63.52
N ILE C 142 -61.92 -36.88 63.20
CA ILE C 142 -63.21 -37.44 62.89
C ILE C 142 -63.79 -38.13 64.10
N MET C 143 -63.00 -39.04 64.71
CA MET C 143 -63.50 -39.94 65.75
C MET C 143 -62.80 -39.59 67.04
N PRO C 144 -63.53 -39.18 68.09
CA PRO C 144 -62.91 -38.99 69.41
C PRO C 144 -62.44 -40.26 70.12
N LYS C 145 -61.52 -40.05 71.06
CA LYS C 145 -61.11 -41.08 71.99
C LYS C 145 -62.36 -41.59 72.66
N GLY C 146 -62.52 -42.91 72.71
CA GLY C 146 -63.68 -43.47 73.39
C GLY C 146 -64.85 -43.79 72.46
N THR C 147 -64.75 -43.43 71.18
CA THR C 147 -65.74 -43.87 70.20
C THR C 147 -65.81 -45.39 70.17
N MET C 148 -67.01 -45.95 70.24
CA MET C 148 -67.22 -47.38 70.03
C MET C 148 -67.90 -47.68 68.67
N LEU C 149 -67.39 -48.67 67.94
CA LEU C 149 -67.92 -49.13 66.66
C LEU C 149 -68.15 -50.63 66.71
N PRO C 150 -69.36 -51.08 66.31
CA PRO C 150 -69.67 -52.50 66.15
C PRO C 150 -69.20 -53.07 64.82
N ILE C 151 -68.46 -54.17 64.91
CA ILE C 151 -67.94 -54.89 63.77
C ILE C 151 -68.73 -56.19 63.63
N TYR C 152 -69.41 -56.33 62.50
CA TYR C 152 -70.09 -57.56 62.17
C TYR C 152 -69.04 -58.60 61.78
N GLY C 153 -68.92 -59.65 62.60
CA GLY C 153 -67.99 -60.73 62.32
C GLY C 153 -68.66 -61.82 61.51
N THR C 154 -67.87 -62.42 60.62
CA THR C 154 -68.40 -63.43 59.71
C THR C 154 -67.78 -64.75 60.14
N PRO C 155 -68.41 -65.44 61.11
CA PRO C 155 -67.92 -65.52 62.48
C PRO C 155 -66.94 -64.45 62.95
N ASN C 156 -65.70 -64.40 62.44
CA ASN C 156 -64.69 -63.59 63.10
C ASN C 156 -64.71 -62.17 62.55
N PRO C 157 -64.39 -61.17 63.39
CA PRO C 157 -64.37 -59.78 62.96
C PRO C 157 -63.05 -59.46 62.30
N SER C 158 -63.09 -58.48 61.38
CA SER C 158 -61.90 -57.93 60.75
C SER C 158 -60.90 -57.55 61.82
N ALA C 159 -59.64 -57.40 61.40
CA ALA C 159 -58.56 -57.02 62.30
C ALA C 159 -58.83 -55.60 62.83
N LEU C 160 -58.27 -55.34 64.01
CA LEU C 160 -58.31 -54.05 64.67
C LEU C 160 -57.49 -53.03 63.88
N PRO C 161 -58.06 -51.86 63.55
CA PRO C 161 -57.26 -50.76 63.03
C PRO C 161 -56.32 -50.25 64.11
N THR C 162 -55.24 -49.55 63.74
CA THR C 162 -54.34 -49.04 64.75
CA THR C 162 -54.32 -49.02 64.72
C THR C 162 -55.07 -47.95 65.51
N GLY C 163 -54.94 -47.95 66.84
CA GLY C 163 -55.57 -46.97 67.70
C GLY C 163 -56.79 -47.51 68.41
N TRP C 164 -57.14 -48.77 68.12
CA TRP C 164 -58.37 -49.37 68.60
C TRP C 164 -58.05 -50.66 69.35
N GLU C 165 -58.98 -51.07 70.22
CA GLU C 165 -58.90 -52.30 70.97
C GLU C 165 -60.33 -52.85 71.08
N TRP C 166 -60.44 -54.18 71.24
CA TRP C 166 -61.73 -54.79 71.56
C TRP C 166 -62.22 -54.39 72.94
N CYS C 167 -63.55 -54.35 73.08
CA CYS C 167 -64.24 -54.15 74.33
C CYS C 167 -64.33 -55.44 75.14
N ASP C 168 -63.20 -55.79 75.74
CA ASP C 168 -62.95 -57.10 76.32
C ASP C 168 -62.78 -57.00 77.83
N GLY C 169 -62.97 -55.81 78.41
CA GLY C 169 -63.01 -55.60 79.84
C GLY C 169 -61.66 -55.36 80.52
N LYS C 170 -60.58 -55.23 79.73
CA LYS C 170 -59.24 -55.06 80.26
CA LYS C 170 -59.22 -55.06 80.22
C LYS C 170 -58.79 -53.60 80.08
N ASP C 171 -57.77 -53.20 80.87
CA ASP C 171 -57.18 -51.86 80.89
C ASP C 171 -58.20 -50.72 80.79
N GLY C 172 -59.31 -50.80 81.51
CA GLY C 172 -60.28 -49.71 81.53
C GLY C 172 -61.20 -49.68 80.29
N ARG C 173 -61.04 -50.62 79.37
CA ARG C 173 -62.02 -50.82 78.31
C ARG C 173 -63.29 -51.42 78.89
N PRO C 174 -64.46 -51.00 78.36
CA PRO C 174 -65.73 -51.54 78.82
C PRO C 174 -65.74 -53.04 78.53
N ASN C 175 -66.48 -53.77 79.35
CA ASN C 175 -66.62 -55.20 79.21
CA ASN C 175 -66.59 -55.21 79.17
C ASN C 175 -67.91 -55.49 78.49
N LEU C 176 -67.85 -55.75 77.17
CA LEU C 176 -69.08 -56.01 76.42
C LEU C 176 -69.37 -57.50 76.32
N LYS C 177 -68.70 -58.31 77.17
CA LYS C 177 -69.01 -59.73 77.32
C LYS C 177 -69.28 -60.07 78.78
N LYS C 178 -69.98 -59.16 79.48
N LYS C 178 -70.11 -59.25 79.44
CA LYS C 178 -70.37 -59.44 80.85
CA LYS C 178 -70.38 -59.40 80.86
C LYS C 178 -71.29 -60.65 80.81
C LYS C 178 -71.57 -60.34 81.09
N GLY C 179 -72.37 -60.56 80.04
CA GLY C 179 -73.46 -61.52 80.10
C GLY C 179 -73.75 -62.10 78.72
N LYS C 180 -74.95 -62.64 78.54
CA LYS C 180 -75.34 -63.12 77.22
C LYS C 180 -75.64 -61.92 76.32
N TYR C 181 -76.36 -60.93 76.87
CA TYR C 181 -76.78 -59.74 76.17
C TYR C 181 -76.08 -58.52 76.77
N ASN C 182 -75.47 -57.75 75.87
CA ASN C 182 -74.63 -56.63 76.22
C ASN C 182 -75.00 -55.45 75.33
N LEU C 183 -75.93 -54.59 75.77
CA LEU C 183 -76.46 -53.50 74.95
C LEU C 183 -75.85 -52.17 75.35
N LEU C 184 -75.79 -51.26 74.36
CA LEU C 184 -75.43 -49.87 74.54
C LEU C 184 -76.69 -49.06 74.76
N SER C 185 -76.61 -48.01 75.60
CA SER C 185 -77.79 -47.22 75.92
C SER C 185 -77.54 -45.77 76.23
N GLY C 186 -78.71 -45.23 76.65
CA GLY C 186 -78.94 -44.19 77.68
C GLY C 186 -78.17 -43.12 77.04
N GLN C 187 -77.88 -42.12 77.87
CA GLN C 187 -77.03 -40.98 77.54
C GLN C 187 -76.27 -40.58 78.78
N SER C 188 -75.26 -41.36 79.12
CA SER C 188 -74.67 -41.27 80.43
C SER C 188 -73.45 -42.17 80.52
N SER C 189 -72.98 -42.38 81.73
CA SER C 189 -71.89 -43.29 81.99
C SER C 189 -72.31 -44.30 83.05
N GLY C 190 -71.59 -45.42 83.06
CA GLY C 190 -71.87 -46.53 83.96
C GLY C 190 -72.52 -47.74 83.26
N THR C 191 -72.98 -48.67 84.12
CA THR C 191 -73.62 -49.89 83.68
C THR C 191 -74.88 -50.14 84.48
N ASP C 192 -75.68 -51.10 84.03
CA ASP C 192 -76.90 -51.49 84.74
C ASP C 192 -77.39 -52.81 84.13
N THR C 193 -78.50 -53.32 84.64
CA THR C 193 -79.06 -54.55 84.09
C THR C 193 -80.58 -54.43 84.15
N PHE C 194 -81.29 -55.06 83.22
CA PHE C 194 -82.73 -55.26 83.35
C PHE C 194 -83.08 -56.69 82.94
N TRP C 195 -84.24 -57.14 83.40
CA TRP C 195 -84.63 -58.52 83.23
C TRP C 195 -85.78 -58.57 82.24
N ALA C 196 -85.57 -59.29 81.14
CA ALA C 196 -86.70 -59.55 80.26
C ALA C 196 -87.47 -60.76 80.81
N ASP C 197 -88.80 -60.70 80.66
CA ASP C 197 -89.74 -61.81 80.87
C ASP C 197 -89.79 -62.69 79.62
N ASN C 198 -88.80 -63.55 79.49
CA ASN C 198 -88.69 -64.42 78.36
C ASN C 198 -89.71 -65.55 78.41
N LYS C 199 -90.21 -65.83 79.63
CA LYS C 199 -91.20 -66.86 79.85
C LYS C 199 -92.56 -66.40 79.32
N ASN C 200 -93.03 -65.22 79.77
CA ASN C 200 -94.43 -64.85 79.61
C ASN C 200 -94.62 -63.62 78.73
N GLY C 201 -93.55 -63.16 78.07
CA GLY C 201 -93.62 -61.90 77.33
C GLY C 201 -94.24 -62.10 75.95
N ASP C 202 -94.98 -61.07 75.49
CA ASP C 202 -95.71 -61.10 74.23
C ASP C 202 -94.88 -60.57 73.06
N THR C 203 -93.76 -59.88 73.34
CA THR C 203 -93.06 -59.14 72.29
C THR C 203 -91.65 -59.67 72.08
N GLU C 204 -91.42 -60.22 70.90
CA GLU C 204 -90.13 -60.76 70.58
C GLU C 204 -89.20 -59.59 70.24
N ILE C 205 -87.95 -59.70 70.68
CA ILE C 205 -86.94 -58.71 70.43
C ILE C 205 -85.83 -59.48 69.75
N ASN C 206 -85.36 -58.98 68.61
CA ASN C 206 -84.34 -59.65 67.86
C ASN C 206 -83.00 -59.01 68.22
N VAL C 207 -81.95 -59.86 68.20
CA VAL C 207 -80.65 -59.47 68.62
C VAL C 207 -79.64 -59.99 67.63
N LEU C 208 -78.85 -59.05 67.11
CA LEU C 208 -77.67 -59.38 66.33
C LEU C 208 -76.40 -59.11 67.14
N PHE C 209 -75.54 -60.12 67.15
CA PHE C 209 -74.30 -60.04 67.87
C PHE C 209 -73.23 -59.42 67.00
N VAL C 210 -72.39 -58.61 67.67
CA VAL C 210 -71.30 -57.91 67.04
C VAL C 210 -70.14 -57.92 68.04
N TYR C 211 -68.97 -57.55 67.53
CA TYR C 211 -67.76 -57.27 68.26
C TYR C 211 -67.55 -55.75 68.33
N TYR C 212 -67.78 -55.16 69.49
CA TYR C 212 -67.50 -53.75 69.67
C TYR C 212 -66.01 -53.54 69.91
N MET C 213 -65.42 -52.57 69.17
CA MET C 213 -64.12 -52.06 69.44
C MET C 213 -64.23 -50.60 69.91
N ILE C 214 -63.14 -50.05 70.49
CA ILE C 214 -63.15 -48.74 71.11
C ILE C 214 -61.85 -48.07 70.76
N LYS C 215 -61.90 -46.74 70.53
CA LYS C 215 -60.72 -45.99 70.12
C LYS C 215 -60.01 -45.50 71.39
N VAL C 216 -58.74 -45.91 71.57
CA VAL C 216 -58.02 -45.73 72.83
C VAL C 216 -56.98 -44.64 72.74
N VAL C 217 -56.82 -44.03 71.55
CA VAL C 217 -56.06 -42.79 71.41
C VAL C 217 -57.02 -41.71 70.88
N ARG D 18 -4.75 -19.51 15.05
CA ARG D 18 -3.63 -18.69 15.60
C ARG D 18 -3.94 -18.33 17.06
N ALA D 19 -2.98 -18.60 17.95
CA ALA D 19 -3.15 -18.39 19.38
C ALA D 19 -3.37 -16.91 19.67
N VAL D 20 -4.48 -16.57 20.32
CA VAL D 20 -4.94 -15.19 20.35
C VAL D 20 -4.05 -14.35 21.25
N GLY D 21 -3.41 -14.99 22.25
CA GLY D 21 -2.48 -14.33 23.17
C GLY D 21 -1.32 -13.63 22.46
N GLU D 22 -0.86 -14.21 21.33
CA GLU D 22 0.27 -13.71 20.56
C GLU D 22 -0.03 -12.39 19.82
N ILE D 23 -1.28 -12.15 19.41
CA ILE D 23 -1.64 -11.02 18.55
C ILE D 23 -1.41 -9.70 19.29
N PRO D 24 -0.59 -8.77 18.74
CA PRO D 24 -0.32 -7.48 19.36
C PRO D 24 -1.58 -6.74 19.76
N SER D 25 -1.41 -5.68 20.56
CA SER D 25 -2.53 -4.83 20.93
C SER D 25 -2.97 -3.99 19.73
N ALA D 26 -4.12 -3.34 19.88
CA ALA D 26 -4.66 -2.51 18.83
C ALA D 26 -3.79 -1.26 18.65
N ASP D 27 -3.19 -0.79 19.76
CA ASP D 27 -2.42 0.46 19.72
C ASP D 27 -1.04 0.21 19.12
N ASN D 28 -0.41 -0.90 19.50
CA ASN D 28 0.82 -1.36 18.86
CA ASN D 28 0.85 -1.25 18.87
C ASN D 28 0.62 -1.38 17.36
N LEU D 29 -0.46 -2.05 16.91
CA LEU D 29 -0.74 -2.24 15.49
C LEU D 29 -0.99 -0.92 14.79
N LYS D 30 -1.90 -0.10 15.33
CA LYS D 30 -2.15 1.22 14.76
C LYS D 30 -0.87 2.05 14.68
N ASN D 31 0.01 1.89 15.67
CA ASN D 31 1.22 2.70 15.74
C ASN D 31 2.20 2.25 14.67
N ARG D 32 2.25 0.93 14.45
CA ARG D 32 3.09 0.32 13.45
C ARG D 32 2.73 0.85 12.06
N PHE D 33 1.43 1.11 11.81
CA PHE D 33 0.99 1.62 10.51
C PHE D 33 1.28 3.12 10.39
N LYS D 34 1.09 3.86 11.50
CA LYS D 34 1.28 5.31 11.54
C LYS D 34 2.76 5.65 11.36
N ALA D 35 3.66 4.79 11.85
CA ALA D 35 5.09 5.07 11.91
C ALA D 35 5.74 4.99 10.54
N ARG D 36 5.03 4.48 9.54
CA ARG D 36 5.55 4.28 8.21
CA ARG D 36 5.60 4.31 8.22
C ARG D 36 5.10 5.42 7.30
N SER D 37 4.07 6.16 7.73
CA SER D 37 3.44 7.15 6.87
C SER D 37 4.45 8.16 6.32
N ILE D 38 5.26 8.72 7.22
CA ILE D 38 6.14 9.82 6.89
C ILE D 38 7.38 9.27 6.19
N PRO D 39 8.08 8.24 6.70
CA PRO D 39 9.00 7.47 5.87
C PRO D 39 8.54 7.20 4.44
N LEU D 40 7.32 6.71 4.26
CA LEU D 40 6.78 6.51 2.91
C LEU D 40 6.75 7.83 2.15
N GLU D 41 6.26 8.90 2.80
CA GLU D 41 6.13 10.17 2.10
C GLU D 41 7.50 10.65 1.58
N THR D 42 8.54 10.38 2.37
CA THR D 42 9.88 10.82 2.09
C THR D 42 10.43 10.00 0.91
N ASP D 43 10.11 8.71 0.85
CA ASP D 43 10.60 7.87 -0.22
C ASP D 43 9.93 8.22 -1.56
N PHE D 44 8.60 8.39 -1.59
CA PHE D 44 7.89 8.75 -2.80
C PHE D 44 8.32 10.15 -3.30
N THR D 45 8.62 11.07 -2.38
CA THR D 45 9.08 12.41 -2.73
C THR D 45 10.42 12.32 -3.49
N ASN D 46 11.36 11.59 -2.90
CA ASN D 46 12.67 11.36 -3.45
C ASN D 46 12.58 10.67 -4.81
N LEU D 47 11.73 9.65 -4.91
CA LEU D 47 11.61 8.90 -6.14
C LEU D 47 11.07 9.78 -7.25
N ILE D 48 10.10 10.65 -6.94
CA ILE D 48 9.49 11.52 -7.93
C ILE D 48 10.51 12.57 -8.39
N ASP D 49 11.33 13.05 -7.46
CA ASP D 49 12.35 14.03 -7.79
C ASP D 49 13.48 13.37 -8.56
N LEU D 50 13.80 12.11 -8.29
CA LEU D 50 14.72 11.36 -9.12
C LEU D 50 14.20 11.27 -10.56
N ALA D 51 12.94 10.88 -10.74
CA ALA D 51 12.30 10.79 -12.05
C ALA D 51 12.33 12.11 -12.83
N GLU D 52 12.12 13.23 -12.13
CA GLU D 52 11.97 14.55 -12.72
C GLU D 52 13.26 15.04 -13.42
N VAL D 53 14.44 14.56 -12.96
CA VAL D 53 15.75 14.98 -13.44
C VAL D 53 15.84 14.87 -14.95
N GLY D 54 15.37 13.73 -15.46
CA GLY D 54 15.36 13.47 -16.89
C GLY D 54 14.59 14.55 -17.63
N ARG D 55 13.42 14.91 -17.10
CA ARG D 55 12.56 15.86 -17.80
C ARG D 55 13.16 17.27 -17.72
N LEU D 56 13.89 17.55 -16.64
CA LEU D 56 14.62 18.81 -16.52
C LEU D 56 15.70 18.89 -17.61
N ALA D 57 16.54 17.84 -17.68
CA ALA D 57 17.68 17.72 -18.59
C ALA D 57 17.29 18.08 -20.02
N ILE D 58 16.09 17.67 -20.47
CA ILE D 58 15.67 17.96 -21.83
C ILE D 58 14.92 19.28 -21.95
N GLY D 59 14.76 20.03 -20.85
CA GLY D 59 14.01 21.29 -20.89
C GLY D 59 12.52 21.14 -21.21
N GLN D 60 11.86 20.16 -20.58
CA GLN D 60 10.43 19.94 -20.76
C GLN D 60 9.66 19.91 -19.43
N SER D 61 10.23 20.42 -18.34
CA SER D 61 9.52 20.41 -17.08
C SER D 61 8.54 21.58 -17.01
N PRO D 62 7.30 21.35 -16.51
CA PRO D 62 6.36 22.44 -16.22
C PRO D 62 6.94 23.47 -15.26
N SER D 63 7.97 23.11 -14.50
CA SER D 63 8.59 23.99 -13.53
C SER D 63 9.72 24.85 -14.14
N GLN D 64 10.00 24.72 -15.44
CA GLN D 64 11.03 25.53 -16.07
C GLN D 64 10.37 26.69 -16.81
N GLN D 65 11.05 27.83 -16.83
CA GLN D 65 10.49 29.02 -17.44
C GLN D 65 10.28 28.77 -18.93
N SER D 66 11.35 28.38 -19.64
CA SER D 66 11.27 28.09 -21.07
C SER D 66 11.33 26.58 -21.28
N LYS D 67 10.34 26.04 -21.98
CA LYS D 67 10.24 24.60 -22.20
CA LYS D 67 10.25 24.60 -22.19
C LYS D 67 11.00 24.26 -23.49
N THR D 68 12.28 24.54 -23.49
CA THR D 68 13.10 24.35 -24.66
C THR D 68 14.37 23.64 -24.22
N PRO D 69 15.02 22.86 -25.09
CA PRO D 69 16.28 22.22 -24.72
C PRO D 69 17.36 23.29 -24.53
N GLY D 70 18.45 22.94 -23.88
CA GLY D 70 19.54 23.88 -23.66
C GLY D 70 20.25 24.29 -24.95
N THR D 71 21.29 25.11 -24.80
CA THR D 71 22.09 25.61 -25.91
C THR D 71 22.64 24.47 -26.76
N GLY D 72 22.36 24.54 -28.06
CA GLY D 72 23.00 23.67 -29.02
C GLY D 72 22.27 22.35 -29.21
N MET D 73 21.11 22.21 -28.54
CA MET D 73 20.49 20.91 -28.35
C MET D 73 19.09 20.90 -28.94
N GLU D 74 18.65 19.70 -29.28
CA GLU D 74 17.28 19.48 -29.71
C GLU D 74 16.89 18.05 -29.33
N LEU D 75 15.58 17.79 -29.49
CA LEU D 75 14.99 16.51 -29.18
C LEU D 75 14.49 15.88 -30.48
N THR D 76 14.81 14.58 -30.68
CA THR D 76 14.16 13.85 -31.76
C THR D 76 12.69 13.64 -31.41
N SER D 77 11.90 13.37 -32.47
CA SER D 77 10.49 13.10 -32.35
C SER D 77 10.23 11.85 -31.50
N ASP D 78 11.25 11.02 -31.30
CA ASP D 78 11.15 9.86 -30.44
C ASP D 78 11.96 10.03 -29.14
N GLY D 79 12.37 11.26 -28.79
CA GLY D 79 12.74 11.58 -27.41
C GLY D 79 14.25 11.65 -27.11
N LYS D 80 15.11 11.60 -28.13
CA LYS D 80 16.54 11.63 -27.87
C LYS D 80 17.03 13.07 -27.80
N LEU D 81 17.97 13.32 -26.88
CA LEU D 81 18.62 14.60 -26.73
C LEU D 81 19.92 14.60 -27.54
N GLN D 82 20.08 15.57 -28.44
CA GLN D 82 21.24 15.58 -29.31
C GLN D 82 21.61 17.01 -29.72
N VAL D 83 22.81 17.12 -30.29
CA VAL D 83 23.33 18.40 -30.77
C VAL D 83 22.63 18.79 -32.04
N LYS D 84 22.53 20.09 -32.24
CA LYS D 84 21.93 20.69 -33.41
C LYS D 84 23.02 21.46 -34.16
N ALA D 85 23.47 20.89 -35.29
CA ALA D 85 24.62 21.39 -36.06
C ALA D 85 24.25 22.60 -36.91
N GLY D 86 25.09 23.65 -36.83
CA GLY D 86 24.90 24.86 -37.62
C GLY D 86 26.06 25.09 -38.61
N ALA D 87 26.36 26.35 -38.93
CA ALA D 87 27.27 26.66 -40.02
C ALA D 87 28.68 26.22 -39.66
N GLY D 88 29.27 25.42 -40.55
CA GLY D 88 30.65 24.99 -40.42
C GLY D 88 30.81 23.75 -39.57
N VAL D 89 29.70 23.21 -39.06
CA VAL D 89 29.73 22.07 -38.16
C VAL D 89 29.01 20.92 -38.86
N ASP D 90 29.59 19.72 -38.75
CA ASP D 90 28.99 18.55 -39.37
C ASP D 90 29.02 17.38 -38.39
N ILE D 91 28.31 16.32 -38.76
CA ILE D 91 28.33 15.06 -38.03
C ILE D 91 28.90 13.99 -38.95
N ASP D 92 29.99 13.37 -38.56
CA ASP D 92 30.65 12.44 -39.47
C ASP D 92 29.93 11.10 -39.47
N ASN D 93 30.54 10.10 -40.12
CA ASN D 93 29.94 8.79 -40.30
C ASN D 93 29.94 8.01 -38.99
N ASN D 94 30.77 8.39 -38.02
CA ASN D 94 30.79 7.74 -36.72
C ASN D 94 30.09 8.60 -35.66
N ASN D 95 29.12 9.43 -36.12
CA ASN D 95 28.25 10.22 -35.27
C ASN D 95 29.03 11.22 -34.41
N ARG D 96 30.27 11.55 -34.81
CA ARG D 96 31.09 12.50 -34.06
CA ARG D 96 31.07 12.51 -34.04
C ARG D 96 30.80 13.90 -34.61
N ILE D 97 31.03 14.92 -33.77
CA ILE D 97 30.93 16.32 -34.18
C ILE D 97 32.23 16.74 -34.85
N THR D 98 32.17 17.21 -36.11
CA THR D 98 33.34 17.60 -36.87
CA THR D 98 33.37 17.63 -36.81
C THR D 98 33.14 18.96 -37.52
N ILE D 99 34.21 19.48 -38.15
CA ILE D 99 34.20 20.76 -38.83
C ILE D 99 34.13 20.53 -40.32
N LYS D 100 33.30 21.30 -41.02
CA LYS D 100 33.26 21.22 -42.47
C LYS D 100 34.28 22.18 -43.06
N SER D 101 35.22 21.66 -43.86
CA SER D 101 36.21 22.50 -44.51
C SER D 101 35.79 22.87 -45.93
N GLY D 102 35.89 24.16 -46.24
CA GLY D 102 35.91 24.69 -47.59
C GLY D 102 37.33 24.96 -48.10
N HIS D 103 37.46 25.91 -49.04
CA HIS D 103 38.70 26.10 -49.77
C HIS D 103 39.74 26.79 -48.89
N GLY D 104 40.94 26.19 -48.83
CA GLY D 104 42.05 26.77 -48.11
C GLY D 104 42.21 26.24 -46.69
N ILE D 105 41.36 25.27 -46.34
CA ILE D 105 41.30 24.67 -45.02
C ILE D 105 41.30 23.15 -45.18
N LYS D 106 42.10 22.49 -44.35
CA LYS D 106 42.12 21.05 -44.21
C LYS D 106 41.74 20.77 -42.75
N VAL D 107 40.98 19.69 -42.55
CA VAL D 107 40.60 19.26 -41.21
C VAL D 107 41.02 17.80 -41.07
N ASP D 108 41.80 17.50 -40.03
CA ASP D 108 42.27 16.13 -39.83
C ASP D 108 42.70 15.93 -38.37
N GLY D 109 43.53 14.92 -38.16
CA GLY D 109 44.05 14.55 -36.85
C GLY D 109 44.68 15.71 -36.09
N ASN D 110 45.45 16.56 -36.79
CA ASN D 110 46.17 17.66 -36.12
C ASN D 110 45.22 18.83 -35.87
N GLY D 111 44.02 18.77 -36.49
CA GLY D 111 42.99 19.78 -36.28
C GLY D 111 42.63 20.52 -37.56
N ILE D 112 42.18 21.77 -37.41
CA ILE D 112 41.94 22.68 -38.51
C ILE D 112 43.26 23.35 -38.85
N SER D 113 43.67 23.22 -40.11
CA SER D 113 44.86 23.93 -40.61
C SER D 113 44.59 24.57 -41.98
N VAL D 114 45.48 25.51 -42.34
CA VAL D 114 45.50 26.08 -43.66
C VAL D 114 46.19 25.12 -44.62
N LYS D 115 45.53 24.89 -45.75
CA LYS D 115 46.09 24.08 -46.81
C LYS D 115 47.02 24.97 -47.64
N PRO D 116 48.31 24.61 -47.81
CA PRO D 116 49.24 25.46 -48.56
C PRO D 116 49.14 25.20 -50.06
N GLY D 117 49.01 26.27 -50.83
CA GLY D 117 49.13 26.15 -52.27
C GLY D 117 50.44 26.74 -52.77
N SER D 118 50.41 27.19 -54.04
CA SER D 118 51.56 27.79 -54.69
C SER D 118 52.04 29.03 -53.93
N GLY D 119 53.30 29.02 -53.51
CA GLY D 119 53.93 30.21 -52.93
C GLY D 119 53.72 30.33 -51.43
N ILE D 120 53.15 29.28 -50.83
CA ILE D 120 52.75 29.32 -49.45
C ILE D 120 53.27 28.06 -48.76
N LYS D 121 53.86 28.27 -47.60
CA LYS D 121 54.26 27.14 -46.76
C LYS D 121 53.65 27.36 -45.36
N VAL D 122 53.18 26.28 -44.77
CA VAL D 122 52.43 26.39 -43.53
C VAL D 122 53.21 25.63 -42.47
N ASP D 123 53.49 26.31 -41.36
CA ASP D 123 54.19 25.68 -40.26
C ASP D 123 53.74 26.36 -38.97
N SER D 124 54.44 26.06 -37.87
CA SER D 124 54.01 26.51 -36.56
C SER D 124 54.08 28.03 -36.40
N ASN D 125 54.87 28.70 -37.24
CA ASN D 125 54.87 30.15 -37.27
C ASN D 125 53.60 30.66 -37.94
N GLY D 126 53.01 29.79 -38.76
CA GLY D 126 51.72 30.08 -39.36
C GLY D 126 51.77 29.89 -40.86
N VAL D 127 51.08 30.81 -41.56
CA VAL D 127 51.00 30.82 -43.02
C VAL D 127 52.15 31.67 -43.53
N ASN D 128 53.05 31.06 -44.34
CA ASN D 128 54.25 31.75 -44.78
C ASN D 128 54.33 31.82 -46.31
N VAL D 129 54.91 32.91 -46.80
CA VAL D 129 55.30 33.02 -48.19
C VAL D 129 56.54 32.17 -48.42
N ASN D 130 56.48 31.36 -49.46
CA ASN D 130 57.62 30.64 -50.00
C ASN D 130 57.90 31.18 -51.41
N ILE D 131 58.94 31.99 -51.56
CA ILE D 131 59.30 32.60 -52.84
C ILE D 131 59.79 31.59 -53.90
N ASP D 132 60.21 30.37 -53.53
CA ASP D 132 60.67 29.42 -54.53
C ASP D 132 59.65 29.24 -55.66
N ASP D 133 58.37 29.28 -55.33
CA ASP D 133 57.34 28.96 -56.28
C ASP D 133 57.16 30.10 -57.30
N PHE D 134 57.57 31.34 -57.00
CA PHE D 134 57.19 32.43 -57.89
C PHE D 134 58.26 33.47 -58.19
N TRP D 135 59.47 33.44 -57.61
CA TRP D 135 60.36 34.60 -57.75
C TRP D 135 60.84 34.75 -59.19
N GLU D 136 60.99 33.62 -59.88
CA GLU D 136 61.43 33.61 -61.26
C GLU D 136 60.44 34.35 -62.17
N GLU D 137 59.15 34.12 -61.91
CA GLU D 137 58.07 34.75 -62.64
C GLU D 137 58.15 36.27 -62.40
N ILE D 138 58.46 36.69 -61.18
CA ILE D 138 58.59 38.12 -60.92
C ILE D 138 59.82 38.66 -61.65
N ARG D 139 60.90 37.89 -61.66
CA ARG D 139 62.09 38.33 -62.37
C ARG D 139 61.75 38.52 -63.85
N ASN D 140 61.12 37.52 -64.46
CA ASN D 140 60.80 37.60 -65.88
C ASN D 140 59.88 38.78 -66.22
N LYS D 141 59.06 39.28 -65.30
CA LYS D 141 58.26 40.47 -65.54
C LYS D 141 59.08 41.76 -65.44
N ILE D 142 60.24 41.67 -64.78
CA ILE D 142 61.10 42.81 -64.61
C ILE D 142 62.16 42.86 -65.71
N MET D 143 62.82 41.72 -65.98
CA MET D 143 64.00 41.71 -66.85
C MET D 143 63.83 40.66 -67.94
N PRO D 144 63.65 41.12 -69.20
CA PRO D 144 63.37 40.21 -70.30
C PRO D 144 64.59 39.37 -70.67
N LYS D 145 64.34 38.30 -71.41
CA LYS D 145 65.42 37.53 -72.00
C LYS D 145 66.32 38.47 -72.81
N GLY D 146 67.64 38.25 -72.68
CA GLY D 146 68.64 38.99 -73.41
C GLY D 146 69.16 40.20 -72.64
N THR D 147 68.69 40.38 -71.40
CA THR D 147 69.18 41.47 -70.58
C THR D 147 70.64 41.21 -70.27
N MET D 148 71.43 42.28 -70.23
CA MET D 148 72.84 42.24 -69.97
C MET D 148 73.14 43.14 -68.78
N LEU D 149 73.90 42.62 -67.82
CA LEU D 149 74.23 43.32 -66.59
C LEU D 149 75.73 43.19 -66.33
N PRO D 150 76.40 44.31 -66.01
CA PRO D 150 77.81 44.27 -65.67
C PRO D 150 77.95 44.01 -64.19
N ILE D 151 78.85 43.07 -63.87
CA ILE D 151 79.24 42.76 -62.50
C ILE D 151 80.73 43.07 -62.31
N TYR D 152 80.99 43.92 -61.33
CA TYR D 152 82.31 44.32 -60.87
C TYR D 152 82.91 43.24 -59.99
N GLY D 153 84.18 42.89 -60.23
CA GLY D 153 84.79 41.75 -59.55
C GLY D 153 86.19 42.08 -59.06
N THR D 154 86.42 41.98 -57.76
CA THR D 154 87.59 42.62 -57.17
C THR D 154 88.80 42.08 -57.91
N PRO D 155 89.04 40.75 -57.98
CA PRO D 155 89.29 40.04 -59.25
C PRO D 155 88.11 39.21 -59.78
N ASN D 156 87.31 38.71 -58.85
CA ASN D 156 86.34 37.68 -59.13
C ASN D 156 84.95 38.28 -59.01
N PRO D 157 84.06 38.08 -59.98
CA PRO D 157 82.67 38.47 -59.82
C PRO D 157 81.91 37.45 -58.96
N SER D 158 80.90 37.94 -58.23
CA SER D 158 79.90 37.08 -57.62
C SER D 158 79.41 36.03 -58.61
N ALA D 159 78.79 34.95 -58.10
CA ALA D 159 78.34 33.84 -58.91
C ALA D 159 77.10 34.23 -59.73
N LEU D 160 76.91 33.57 -60.86
CA LEU D 160 75.71 33.74 -61.67
C LEU D 160 74.45 33.43 -60.87
N PRO D 161 73.42 34.30 -60.89
CA PRO D 161 72.09 33.88 -60.49
C PRO D 161 71.55 32.89 -61.53
N THR D 162 70.59 32.11 -61.08
CA THR D 162 69.98 31.10 -61.92
CA THR D 162 69.98 31.10 -61.91
C THR D 162 69.34 31.85 -63.08
N GLY D 163 69.53 31.32 -64.31
CA GLY D 163 68.95 31.86 -65.52
C GLY D 163 69.89 32.79 -66.29
N TRP D 164 71.13 32.93 -65.79
CA TRP D 164 72.10 33.85 -66.36
C TRP D 164 73.36 33.11 -66.79
N GLU D 165 74.08 33.64 -67.79
CA GLU D 165 75.39 33.12 -68.17
C GLU D 165 76.33 34.28 -68.50
N TRP D 166 77.64 34.02 -68.42
CA TRP D 166 78.66 34.98 -68.81
C TRP D 166 78.65 35.20 -70.31
N CYS D 167 78.94 36.45 -70.67
CA CYS D 167 79.05 36.83 -72.07
C CYS D 167 80.41 36.40 -72.62
N ASP D 168 80.51 35.12 -72.97
CA ASP D 168 81.76 34.45 -73.30
C ASP D 168 81.76 33.91 -74.74
N GLY D 169 80.81 34.34 -75.58
CA GLY D 169 80.83 33.98 -76.98
C GLY D 169 80.41 32.53 -77.27
N LYS D 170 80.00 31.76 -76.27
CA LYS D 170 79.56 30.38 -76.50
C LYS D 170 78.03 30.27 -76.56
N ASP D 171 77.56 29.34 -77.39
CA ASP D 171 76.17 28.93 -77.48
C ASP D 171 75.26 30.12 -77.80
N GLY D 172 75.69 30.99 -78.70
CA GLY D 172 74.85 32.08 -79.19
C GLY D 172 74.93 33.37 -78.36
N ARG D 173 75.54 33.27 -77.17
CA ARG D 173 75.70 34.42 -76.27
C ARG D 173 76.70 35.40 -76.85
N PRO D 174 76.60 36.70 -76.51
CA PRO D 174 77.58 37.68 -76.96
C PRO D 174 78.97 37.37 -76.38
N ASN D 175 79.98 37.82 -77.13
CA ASN D 175 81.36 37.64 -76.76
C ASN D 175 81.93 39.02 -76.47
N LEU D 176 81.92 39.38 -75.19
CA LEU D 176 82.48 40.62 -74.72
C LEU D 176 83.97 40.44 -74.43
N LYS D 177 84.59 39.32 -74.86
CA LYS D 177 86.03 39.17 -74.70
C LYS D 177 86.72 39.12 -76.07
N LYS D 178 86.15 39.75 -77.10
CA LYS D 178 86.72 39.72 -78.44
C LYS D 178 88.13 40.31 -78.43
N GLY D 179 88.26 41.58 -78.03
CA GLY D 179 89.55 42.25 -77.97
C GLY D 179 89.85 42.84 -76.60
N LYS D 180 90.69 43.89 -76.53
CA LYS D 180 91.11 44.41 -75.25
C LYS D 180 90.01 45.26 -74.63
N TYR D 181 89.22 45.91 -75.49
CA TYR D 181 88.13 46.78 -75.11
C TYR D 181 86.83 46.31 -75.76
N ASN D 182 85.77 46.19 -74.95
CA ASN D 182 84.54 45.59 -75.41
C ASN D 182 83.40 46.39 -74.80
N LEU D 183 82.84 47.29 -75.58
CA LEU D 183 81.91 48.28 -75.12
C LEU D 183 80.52 47.95 -75.64
N LEU D 184 79.50 48.36 -74.88
CA LEU D 184 78.14 48.28 -75.36
C LEU D 184 77.82 49.63 -75.97
N SER D 185 77.02 49.61 -77.05
CA SER D 185 76.56 50.85 -77.68
C SER D 185 75.08 50.75 -78.00
N GLY D 186 74.44 51.89 -77.79
CA GLY D 186 73.06 52.09 -78.13
C GLY D 186 72.83 52.02 -79.64
N GLN D 187 72.01 51.02 -79.94
CA GLN D 187 70.60 51.11 -80.30
C GLN D 187 70.37 50.37 -81.60
N SER D 188 70.78 49.10 -81.56
CA SER D 188 70.68 48.23 -82.70
C SER D 188 71.24 46.88 -82.31
N SER D 189 71.53 46.07 -83.32
CA SER D 189 72.12 44.76 -83.18
C SER D 189 73.42 44.70 -83.99
N GLY D 190 74.17 43.61 -83.78
CA GLY D 190 75.47 43.35 -84.37
C GLY D 190 76.66 43.98 -83.62
N THR D 191 77.86 43.84 -84.23
CA THR D 191 79.13 44.35 -83.69
C THR D 191 79.79 45.33 -84.67
N ASP D 192 80.81 46.05 -84.19
CA ASP D 192 81.59 46.96 -85.01
C ASP D 192 82.88 47.24 -84.25
N THR D 193 83.79 48.06 -84.83
CA THR D 193 85.01 48.47 -84.18
C THR D 193 85.35 49.90 -84.59
N PHE D 194 85.96 50.63 -83.68
CA PHE D 194 86.64 51.85 -84.06
C PHE D 194 88.05 51.81 -83.43
N TRP D 195 88.90 52.74 -83.89
CA TRP D 195 90.30 52.79 -83.48
C TRP D 195 90.51 54.04 -82.65
N ALA D 196 91.22 53.88 -81.54
CA ALA D 196 91.89 54.96 -80.84
C ALA D 196 93.38 54.91 -81.18
N ASP D 197 94.11 55.97 -80.80
CA ASP D 197 95.52 56.13 -81.10
C ASP D 197 96.20 56.66 -79.84
N ASN D 198 96.97 55.81 -79.16
CA ASN D 198 97.60 56.22 -77.92
C ASN D 198 98.90 57.01 -78.15
N LYS D 199 99.51 56.90 -79.34
CA LYS D 199 100.69 57.67 -79.72
C LYS D 199 100.34 59.16 -79.84
N ASN D 200 99.47 59.51 -80.79
CA ASN D 200 99.20 60.90 -81.11
C ASN D 200 97.72 61.20 -80.88
N GLY D 201 97.14 60.67 -79.79
CA GLY D 201 95.79 60.99 -79.36
C GLY D 201 95.77 62.25 -78.49
N ASP D 202 94.57 62.80 -78.25
CA ASP D 202 94.43 64.12 -77.62
C ASP D 202 93.47 64.12 -76.42
N THR D 203 92.52 63.15 -76.33
CA THR D 203 91.50 63.11 -75.28
CA THR D 203 91.53 63.12 -75.25
C THR D 203 91.44 61.72 -74.63
N GLU D 204 91.61 61.69 -73.30
CA GLU D 204 91.75 60.46 -72.52
C GLU D 204 90.38 59.87 -72.16
N ILE D 205 90.19 58.58 -72.45
CA ILE D 205 89.01 57.85 -72.04
C ILE D 205 89.40 56.87 -70.94
N ASN D 206 88.75 56.95 -69.79
CA ASN D 206 88.93 55.96 -68.72
C ASN D 206 87.97 54.79 -68.89
N VAL D 207 88.44 53.59 -68.57
CA VAL D 207 87.62 52.39 -68.76
CA VAL D 207 87.68 52.36 -68.78
C VAL D 207 87.79 51.49 -67.54
N LEU D 208 86.63 51.06 -67.00
CA LEU D 208 86.56 50.10 -65.92
C LEU D 208 86.12 48.75 -66.50
N PHE D 209 86.88 47.71 -66.20
CA PHE D 209 86.56 46.39 -66.70
C PHE D 209 85.56 45.74 -65.75
N VAL D 210 84.57 45.07 -66.36
CA VAL D 210 83.48 44.42 -65.65
C VAL D 210 83.28 43.12 -66.36
N TYR D 211 82.46 42.25 -65.74
CA TYR D 211 82.09 41.01 -66.37
C TYR D 211 80.59 41.09 -66.70
N TYR D 212 80.24 41.04 -67.99
CA TYR D 212 78.85 41.08 -68.38
C TYR D 212 78.26 39.69 -68.32
N MET D 213 77.09 39.56 -67.69
CA MET D 213 76.29 38.37 -67.81
C MET D 213 75.02 38.73 -68.59
N ILE D 214 74.40 37.69 -69.17
CA ILE D 214 73.19 37.86 -69.96
C ILE D 214 72.13 36.87 -69.50
N LYS D 215 70.86 37.29 -69.51
CA LYS D 215 69.76 36.46 -69.06
C LYS D 215 69.38 35.53 -70.21
N VAL D 216 69.49 34.21 -69.99
CA VAL D 216 69.30 33.29 -71.10
C VAL D 216 67.95 32.60 -71.01
N VAL D 217 67.12 33.01 -70.04
CA VAL D 217 65.71 32.64 -69.98
C VAL D 217 64.91 33.95 -69.84
N ARG E 18 -22.62 -9.26 3.61
CA ARG E 18 -21.78 -10.31 2.98
C ARG E 18 -22.03 -11.64 3.67
N ALA E 19 -22.23 -12.71 2.90
CA ALA E 19 -22.31 -14.06 3.43
C ALA E 19 -20.95 -14.50 3.96
N VAL E 20 -20.89 -14.95 5.22
CA VAL E 20 -19.63 -15.28 5.89
C VAL E 20 -18.91 -16.43 5.16
N GLY E 21 -19.69 -17.37 4.60
CA GLY E 21 -19.16 -18.49 3.86
C GLY E 21 -18.36 -18.10 2.61
N GLU E 22 -18.63 -16.91 2.04
CA GLU E 22 -17.94 -16.44 0.84
C GLU E 22 -16.51 -16.00 1.15
N ILE E 23 -16.27 -15.53 2.37
CA ILE E 23 -15.01 -14.89 2.72
C ILE E 23 -13.96 -15.98 2.83
N PRO E 24 -12.76 -15.76 2.27
CA PRO E 24 -11.70 -16.77 2.36
C PRO E 24 -11.14 -17.03 3.76
N SER E 25 -10.41 -18.15 3.87
CA SER E 25 -9.68 -18.49 5.05
C SER E 25 -8.62 -17.43 5.36
N ALA E 26 -8.26 -17.32 6.63
CA ALA E 26 -7.22 -16.41 7.04
C ALA E 26 -5.94 -16.77 6.30
N ASP E 27 -5.64 -18.08 6.18
CA ASP E 27 -4.43 -18.51 5.50
C ASP E 27 -4.42 -18.08 4.03
N ASN E 28 -5.52 -18.26 3.31
CA ASN E 28 -5.63 -17.81 1.94
C ASN E 28 -5.30 -16.32 1.88
N LEU E 29 -5.96 -15.54 2.76
CA LEU E 29 -5.84 -14.09 2.76
C LEU E 29 -4.41 -13.67 3.06
N LYS E 30 -3.79 -14.31 4.05
CA LYS E 30 -2.44 -13.97 4.40
C LYS E 30 -1.49 -14.21 3.22
N ASN E 31 -1.71 -15.30 2.46
CA ASN E 31 -0.81 -15.69 1.38
C ASN E 31 -1.01 -14.77 0.17
N ARG E 32 -2.23 -14.30 -0.04
CA ARG E 32 -2.48 -13.34 -1.11
C ARG E 32 -1.72 -12.04 -0.84
N PHE E 33 -1.67 -11.62 0.43
CA PHE E 33 -0.87 -10.45 0.79
C PHE E 33 0.60 -10.81 0.67
N LYS E 34 1.00 -11.95 1.25
CA LYS E 34 2.41 -12.33 1.27
C LYS E 34 2.99 -12.45 -0.16
N ALA E 35 2.19 -12.90 -1.13
CA ALA E 35 2.66 -13.24 -2.45
C ALA E 35 2.94 -11.99 -3.30
N ARG E 36 2.45 -10.83 -2.88
CA ARG E 36 2.70 -9.59 -3.58
C ARG E 36 4.04 -8.96 -3.18
N SER E 37 4.67 -9.42 -2.10
CA SER E 37 5.81 -8.71 -1.53
C SER E 37 6.95 -8.64 -2.54
N ILE E 38 7.30 -9.79 -3.12
CA ILE E 38 8.47 -9.89 -3.96
C ILE E 38 8.19 -9.26 -5.33
N PRO E 39 7.05 -9.48 -6.02
CA PRO E 39 6.69 -8.64 -7.17
C PRO E 39 6.75 -7.13 -6.93
N LEU E 40 6.36 -6.66 -5.74
CA LEU E 40 6.40 -5.24 -5.42
CA LEU E 40 6.40 -5.24 -5.42
C LEU E 40 7.84 -4.76 -5.34
N GLU E 41 8.68 -5.48 -4.59
CA GLU E 41 10.09 -5.10 -4.43
C GLU E 41 10.75 -5.03 -5.82
N THR E 42 10.37 -5.95 -6.70
CA THR E 42 10.88 -6.03 -8.06
C THR E 42 10.40 -4.84 -8.89
N ASP E 43 9.10 -4.53 -8.84
CA ASP E 43 8.59 -3.37 -9.57
C ASP E 43 9.25 -2.09 -9.08
N PHE E 44 9.38 -1.92 -7.76
CA PHE E 44 9.92 -0.66 -7.24
C PHE E 44 11.43 -0.57 -7.55
N THR E 45 12.11 -1.72 -7.59
CA THR E 45 13.52 -1.75 -7.93
C THR E 45 13.73 -1.25 -9.37
N ASN E 46 12.92 -1.78 -10.29
CA ASN E 46 12.90 -1.39 -11.68
C ASN E 46 12.53 0.08 -11.83
N LEU E 47 11.58 0.59 -11.02
CA LEU E 47 11.12 1.95 -11.19
C LEU E 47 12.21 2.91 -10.74
N ILE E 48 12.93 2.55 -9.67
CA ILE E 48 14.00 3.38 -9.14
C ILE E 48 15.17 3.46 -10.12
N ASP E 49 15.53 2.32 -10.73
CA ASP E 49 16.62 2.22 -11.67
C ASP E 49 16.27 2.98 -12.95
N LEU E 50 15.02 2.92 -13.40
CA LEU E 50 14.61 3.67 -14.56
C LEU E 50 14.74 5.17 -14.30
N ALA E 51 14.34 5.62 -13.10
CA ALA E 51 14.46 7.02 -12.76
C ALA E 51 15.92 7.45 -12.60
N GLU E 52 16.80 6.55 -12.11
CA GLU E 52 18.22 6.86 -11.90
C GLU E 52 18.95 7.21 -13.22
N VAL E 53 18.43 6.78 -14.37
CA VAL E 53 19.04 6.96 -15.68
C VAL E 53 19.28 8.44 -15.96
N GLY E 54 18.22 9.24 -15.81
CA GLY E 54 18.28 10.70 -15.95
C GLY E 54 19.41 11.33 -15.13
N ARG E 55 19.56 10.92 -13.86
CA ARG E 55 20.61 11.46 -13.00
C ARG E 55 22.02 11.03 -13.41
N LEU E 56 22.19 9.78 -13.84
CA LEU E 56 23.44 9.32 -14.41
C LEU E 56 23.78 10.14 -15.67
N ALA E 57 22.77 10.40 -16.50
CA ALA E 57 22.98 11.06 -17.77
C ALA E 57 23.66 12.41 -17.57
N ILE E 58 23.24 13.16 -16.56
CA ILE E 58 23.75 14.49 -16.30
C ILE E 58 24.93 14.41 -15.33
N GLY E 59 25.36 13.19 -14.97
CA GLY E 59 26.53 13.03 -14.14
C GLY E 59 26.38 13.61 -12.72
N GLN E 60 25.24 13.40 -12.04
CA GLN E 60 25.08 13.86 -10.66
C GLN E 60 24.67 12.72 -9.73
N SER E 61 24.96 11.47 -10.13
CA SER E 61 24.57 10.30 -9.36
C SER E 61 25.63 9.99 -8.32
N PRO E 62 25.25 9.77 -7.05
CA PRO E 62 26.18 9.26 -6.04
C PRO E 62 26.99 8.03 -6.43
N SER E 63 26.56 7.29 -7.45
CA SER E 63 27.31 6.10 -7.85
C SER E 63 28.44 6.39 -8.85
N GLN E 64 28.61 7.64 -9.30
CA GLN E 64 29.62 7.94 -10.31
C GLN E 64 30.91 8.39 -9.64
N GLN E 65 32.03 8.12 -10.32
CA GLN E 65 33.36 8.44 -9.83
C GLN E 65 33.48 9.95 -9.63
N SER E 66 32.88 10.71 -10.56
CA SER E 66 33.03 12.16 -10.65
C SER E 66 31.68 12.84 -10.88
N LYS E 67 31.32 13.77 -10.00
CA LYS E 67 29.96 14.33 -10.03
C LYS E 67 29.98 15.61 -10.87
N THR E 68 30.08 15.39 -12.19
CA THR E 68 30.23 16.42 -13.22
C THR E 68 29.65 15.89 -14.51
N PRO E 69 29.07 16.76 -15.36
CA PRO E 69 28.58 16.35 -16.67
C PRO E 69 29.67 15.78 -17.57
N GLY E 70 29.25 15.15 -18.66
CA GLY E 70 30.19 14.60 -19.62
C GLY E 70 30.93 15.66 -20.44
N THR E 71 31.80 15.17 -21.32
CA THR E 71 32.67 15.99 -22.15
C THR E 71 31.80 16.98 -22.90
N GLY E 72 32.07 18.28 -22.70
CA GLY E 72 31.50 19.33 -23.54
C GLY E 72 30.11 19.76 -23.09
N MET E 73 29.67 19.28 -21.92
CA MET E 73 28.31 19.55 -21.45
C MET E 73 28.36 20.36 -20.16
N GLU E 74 27.33 21.18 -19.97
CA GLU E 74 27.07 21.71 -18.64
C GLU E 74 25.59 21.62 -18.30
N LEU E 75 25.31 21.89 -17.03
CA LEU E 75 23.94 22.00 -16.51
C LEU E 75 23.60 23.47 -16.27
N THR E 76 22.51 23.95 -16.88
CA THR E 76 21.93 25.24 -16.54
C THR E 76 21.46 25.28 -15.07
N SER E 77 21.05 26.48 -14.64
CA SER E 77 20.56 26.73 -13.30
C SER E 77 19.30 25.91 -13.03
N ASP E 78 18.46 25.69 -14.06
CA ASP E 78 17.23 24.93 -13.90
C ASP E 78 17.36 23.48 -14.42
N GLY E 79 18.59 22.94 -14.51
CA GLY E 79 18.82 21.52 -14.74
C GLY E 79 18.72 21.04 -16.20
N LYS E 80 18.84 21.96 -17.17
CA LYS E 80 18.96 21.58 -18.57
C LYS E 80 20.41 21.16 -18.88
N LEU E 81 20.57 20.03 -19.58
CA LEU E 81 21.88 19.54 -19.98
C LEU E 81 22.16 20.08 -21.37
N GLN E 82 23.31 20.72 -21.54
CA GLN E 82 23.53 21.41 -22.79
C GLN E 82 25.01 21.47 -23.13
N VAL E 83 25.25 21.87 -24.37
CA VAL E 83 26.60 22.14 -24.84
C VAL E 83 27.19 23.35 -24.13
N LYS E 84 28.40 23.16 -23.62
CA LYS E 84 29.22 24.24 -23.10
C LYS E 84 30.22 24.74 -24.17
N ALA E 85 29.92 25.90 -24.78
CA ALA E 85 30.71 26.42 -25.88
C ALA E 85 32.00 27.10 -25.41
N GLY E 86 33.14 26.71 -26.01
CA GLY E 86 34.42 27.34 -25.75
C GLY E 86 34.97 28.05 -27.00
N ALA E 87 36.28 28.30 -27.01
CA ALA E 87 36.88 29.14 -28.02
C ALA E 87 36.61 28.58 -29.42
N GLY E 88 36.09 29.44 -30.28
CA GLY E 88 35.90 29.14 -31.69
C GLY E 88 34.50 28.64 -32.00
N VAL E 89 33.70 28.45 -30.95
CA VAL E 89 32.38 27.87 -31.09
C VAL E 89 31.35 28.88 -30.59
N ASP E 90 30.21 28.89 -31.26
CA ASP E 90 29.17 29.83 -30.89
C ASP E 90 27.83 29.12 -31.03
N ILE E 91 26.77 29.76 -30.54
CA ILE E 91 25.40 29.32 -30.78
C ILE E 91 24.69 30.40 -31.60
N ASP E 92 24.10 30.02 -32.73
CA ASP E 92 23.44 30.99 -33.58
C ASP E 92 22.02 31.28 -33.04
N ASN E 93 21.21 31.93 -33.86
CA ASN E 93 19.88 32.35 -33.47
C ASN E 93 18.91 31.19 -33.36
N ASN E 94 19.22 30.05 -33.99
CA ASN E 94 18.31 28.93 -33.97
C ASN E 94 18.77 27.92 -32.93
N ASN E 95 19.62 28.35 -31.98
CA ASN E 95 20.17 27.45 -30.99
C ASN E 95 21.05 26.35 -31.62
N ARG E 96 21.71 26.65 -32.75
CA ARG E 96 22.56 25.67 -33.44
CA ARG E 96 22.56 25.67 -33.44
C ARG E 96 24.02 25.93 -33.10
N ILE E 97 24.81 24.84 -33.04
CA ILE E 97 26.24 24.96 -32.80
C ILE E 97 26.88 25.39 -34.12
N THR E 98 27.78 26.37 -34.03
CA THR E 98 28.31 27.03 -35.21
C THR E 98 29.73 27.50 -34.88
N ILE E 99 30.43 28.01 -35.89
CA ILE E 99 31.82 28.40 -35.72
C ILE E 99 31.88 29.90 -35.66
N LYS E 100 32.63 30.44 -34.70
CA LYS E 100 32.90 31.88 -34.69
C LYS E 100 34.11 32.16 -35.59
N SER E 101 33.96 33.03 -36.60
CA SER E 101 35.08 33.33 -37.49
C SER E 101 35.79 34.63 -37.07
N GLY E 102 37.12 34.57 -36.95
CA GLY E 102 37.94 35.76 -36.79
C GLY E 102 38.61 36.17 -38.10
N HIS E 103 39.73 36.89 -37.98
CA HIS E 103 40.43 37.45 -39.12
C HIS E 103 40.98 36.34 -40.01
N GLY E 104 40.62 36.40 -41.30
CA GLY E 104 41.19 35.54 -42.31
C GLY E 104 40.27 34.37 -42.63
N ILE E 105 39.16 34.26 -41.87
CA ILE E 105 38.25 33.14 -42.00
C ILE E 105 36.87 33.64 -42.39
N LYS E 106 36.19 32.84 -43.22
CA LYS E 106 34.77 33.04 -43.44
C LYS E 106 34.11 31.69 -43.21
N VAL E 107 32.88 31.75 -42.67
CA VAL E 107 32.02 30.60 -42.54
C VAL E 107 30.74 30.82 -43.33
N ASP E 108 30.49 29.90 -44.27
CA ASP E 108 29.36 29.94 -45.18
C ASP E 108 28.80 28.51 -45.27
N GLY E 109 28.11 28.19 -46.36
CA GLY E 109 27.55 26.86 -46.55
C GLY E 109 28.55 25.86 -47.15
N ASN E 110 29.71 26.36 -47.60
CA ASN E 110 30.84 25.52 -48.00
C ASN E 110 31.66 25.10 -46.79
N GLY E 111 31.35 25.71 -45.64
CA GLY E 111 32.03 25.40 -44.42
C GLY E 111 33.00 26.52 -44.08
N ILE E 112 34.10 26.15 -43.43
CA ILE E 112 35.12 27.09 -43.02
C ILE E 112 36.07 27.22 -44.20
N SER E 113 36.30 28.45 -44.63
CA SER E 113 37.22 28.71 -45.73
C SER E 113 38.03 29.95 -45.43
N VAL E 114 39.12 30.11 -46.18
CA VAL E 114 40.03 31.23 -45.98
C VAL E 114 39.53 32.38 -46.81
N LYS E 115 39.57 33.59 -46.23
CA LYS E 115 39.24 34.82 -46.92
C LYS E 115 40.50 35.37 -47.60
N PRO E 116 40.52 35.49 -48.93
CA PRO E 116 41.68 36.05 -49.61
C PRO E 116 41.72 37.58 -49.58
N GLY E 117 42.89 38.12 -49.23
CA GLY E 117 43.18 39.53 -49.34
C GLY E 117 44.20 39.83 -50.44
N SER E 118 44.91 40.93 -50.28
CA SER E 118 45.85 41.43 -51.27
C SER E 118 46.95 40.39 -51.52
N GLY E 119 47.07 39.95 -52.77
CA GLY E 119 48.22 39.17 -53.20
C GLY E 119 48.01 37.70 -52.91
N ILE E 120 46.77 37.39 -52.54
CA ILE E 120 46.40 36.01 -52.22
C ILE E 120 45.21 35.63 -53.08
N LYS E 121 45.19 34.36 -53.48
CA LYS E 121 44.03 33.77 -54.08
C LYS E 121 43.84 32.36 -53.50
N VAL E 122 42.60 32.06 -53.13
CA VAL E 122 42.25 30.78 -52.49
C VAL E 122 41.56 29.89 -53.51
N ASP E 123 41.85 28.59 -53.49
CA ASP E 123 41.20 27.67 -54.39
C ASP E 123 41.34 26.26 -53.85
N SER E 124 41.01 25.27 -54.67
CA SER E 124 41.05 23.87 -54.25
C SER E 124 42.47 23.42 -53.98
N ASN E 125 43.47 24.10 -54.51
CA ASN E 125 44.86 23.78 -54.22
C ASN E 125 45.22 24.28 -52.81
N GLY E 126 44.53 25.31 -52.35
CA GLY E 126 44.73 25.88 -51.03
C GLY E 126 44.85 27.39 -51.13
N VAL E 127 45.64 27.95 -50.22
CA VAL E 127 45.98 29.35 -50.24
C VAL E 127 47.21 29.57 -51.13
N ASN E 128 47.08 30.44 -52.13
CA ASN E 128 48.09 30.64 -53.15
C ASN E 128 48.49 32.11 -53.17
N VAL E 129 49.75 32.38 -53.52
CA VAL E 129 50.22 33.73 -53.78
C VAL E 129 49.83 34.16 -55.19
N ASN E 130 49.44 35.41 -55.33
CA ASN E 130 49.03 36.00 -56.59
C ASN E 130 49.86 37.26 -56.78
N ILE E 131 50.89 37.14 -57.62
CA ILE E 131 51.90 38.18 -57.77
C ILE E 131 51.33 39.47 -58.38
N ASP E 132 50.21 39.40 -59.10
CA ASP E 132 49.65 40.59 -59.77
C ASP E 132 49.51 41.77 -58.83
N ASP E 133 49.23 41.53 -57.55
CA ASP E 133 48.89 42.61 -56.65
C ASP E 133 50.14 43.31 -56.10
N PHE E 134 51.35 42.73 -56.27
CA PHE E 134 52.49 43.29 -55.53
C PHE E 134 53.83 43.20 -56.28
N TRP E 135 53.90 42.58 -57.46
CA TRP E 135 55.20 42.44 -58.13
C TRP E 135 55.78 43.81 -58.52
N GLU E 136 54.94 44.78 -58.91
CA GLU E 136 55.39 46.13 -59.27
C GLU E 136 56.05 46.86 -58.09
N GLU E 137 55.50 46.68 -56.88
CA GLU E 137 56.07 47.30 -55.69
CA GLU E 137 56.07 47.31 -55.70
CA GLU E 137 56.06 47.28 -55.68
C GLU E 137 57.47 46.74 -55.45
N ILE E 138 57.65 45.43 -55.67
CA ILE E 138 58.95 44.80 -55.50
C ILE E 138 59.94 45.32 -56.55
N ARG E 139 59.49 45.46 -57.80
CA ARG E 139 60.33 46.01 -58.85
C ARG E 139 60.83 47.40 -58.48
N ASN E 140 59.91 48.26 -58.01
CA ASN E 140 60.21 49.61 -57.58
C ASN E 140 61.17 49.66 -56.38
N LYS E 141 61.16 48.65 -55.51
CA LYS E 141 62.09 48.67 -54.40
C LYS E 141 63.48 48.23 -54.87
N ILE E 142 63.55 47.61 -56.06
CA ILE E 142 64.79 47.06 -56.58
C ILE E 142 65.44 48.03 -57.57
N MET E 143 64.63 48.55 -58.49
CA MET E 143 65.18 49.38 -59.53
C MET E 143 64.48 50.72 -59.56
N PRO E 144 65.23 51.83 -59.38
CA PRO E 144 64.63 53.16 -59.40
C PRO E 144 64.22 53.68 -60.77
N LYS E 145 63.34 54.68 -60.76
CA LYS E 145 63.04 55.50 -61.93
C LYS E 145 64.36 55.93 -62.58
N GLY E 146 64.44 55.84 -63.91
CA GLY E 146 65.63 56.27 -64.65
C GLY E 146 66.71 55.20 -64.79
N THR E 147 66.51 54.00 -64.22
CA THR E 147 67.38 52.86 -64.46
C THR E 147 67.42 52.50 -65.94
N MET E 148 68.62 52.32 -66.52
CA MET E 148 68.73 51.89 -67.90
C MET E 148 69.36 50.50 -67.97
N LEU E 149 68.80 49.64 -68.82
CA LEU E 149 69.25 48.27 -69.02
C LEU E 149 69.43 48.00 -70.51
N PRO E 150 70.56 47.37 -70.91
CA PRO E 150 70.76 47.00 -72.30
C PRO E 150 70.18 45.63 -72.63
N ILE E 151 69.53 45.50 -73.79
CA ILE E 151 68.95 44.23 -74.18
C ILE E 151 69.63 43.78 -75.47
N TYR E 152 70.12 42.55 -75.46
CA TYR E 152 70.72 41.94 -76.62
C TYR E 152 69.64 41.33 -77.50
N GLY E 153 69.57 41.75 -78.77
CA GLY E 153 68.63 41.17 -79.71
C GLY E 153 69.32 40.71 -80.98
N THR E 154 69.07 39.45 -81.38
CA THR E 154 69.85 38.85 -82.46
C THR E 154 69.62 39.71 -83.69
N PRO E 155 68.39 39.87 -84.22
CA PRO E 155 67.97 41.17 -84.73
C PRO E 155 67.20 42.02 -83.71
N ASN E 156 66.26 41.38 -83.01
CA ASN E 156 65.28 42.10 -82.21
C ASN E 156 65.38 41.72 -80.75
N PRO E 157 65.24 42.73 -79.86
CA PRO E 157 65.26 42.50 -78.42
C PRO E 157 63.92 41.93 -78.02
N SER E 158 63.88 41.33 -76.82
CA SER E 158 62.64 40.89 -76.20
C SER E 158 61.72 42.08 -75.96
N ALA E 159 60.44 41.78 -75.68
CA ALA E 159 59.41 42.80 -75.47
C ALA E 159 59.74 43.67 -74.25
N LEU E 160 59.38 44.96 -74.34
CA LEU E 160 59.40 45.84 -73.19
C LEU E 160 58.56 45.21 -72.06
N PRO E 161 59.11 45.07 -70.83
CA PRO E 161 58.29 44.80 -69.67
C PRO E 161 57.59 46.09 -69.20
N THR E 162 56.43 45.90 -68.59
CA THR E 162 55.60 46.98 -68.11
C THR E 162 56.44 47.94 -67.28
N GLY E 163 56.29 49.24 -67.56
CA GLY E 163 56.93 50.30 -66.78
C GLY E 163 58.19 50.83 -67.47
N TRP E 164 58.52 50.27 -68.64
CA TRP E 164 59.77 50.57 -69.33
C TRP E 164 59.49 51.06 -70.75
N GLU E 165 60.44 51.85 -71.29
CA GLU E 165 60.35 52.40 -72.64
C GLU E 165 61.74 52.38 -73.28
N TRP E 166 61.82 52.10 -74.58
CA TRP E 166 63.06 52.23 -75.33
C TRP E 166 63.56 53.67 -75.21
N CYS E 167 64.90 53.81 -75.22
CA CYS E 167 65.55 55.12 -75.20
C CYS E 167 65.58 55.73 -76.60
N ASP E 168 64.46 56.41 -76.96
CA ASP E 168 64.14 56.83 -78.31
C ASP E 168 64.09 58.36 -78.39
N GLY E 169 64.50 59.04 -77.31
CA GLY E 169 64.57 60.50 -77.32
C GLY E 169 63.30 61.18 -76.82
N LYS E 170 62.15 60.51 -77.02
CA LYS E 170 60.84 61.10 -76.77
C LYS E 170 60.59 61.22 -75.27
N ASP E 171 59.91 62.30 -74.89
CA ASP E 171 59.13 62.39 -73.66
C ASP E 171 60.05 62.39 -72.45
N GLY E 172 61.17 63.09 -72.55
CA GLY E 172 62.12 63.21 -71.44
C GLY E 172 63.18 62.10 -71.47
N ARG E 173 63.06 61.19 -72.45
CA ARG E 173 63.87 59.99 -72.48
C ARG E 173 65.14 60.22 -73.29
N PRO E 174 66.31 59.72 -72.84
CA PRO E 174 67.54 59.79 -73.63
C PRO E 174 67.40 59.25 -75.05
N ASN E 175 68.10 59.94 -75.98
CA ASN E 175 68.22 59.53 -77.37
C ASN E 175 69.54 58.77 -77.56
N LEU E 176 69.46 57.50 -77.96
CA LEU E 176 70.63 56.63 -78.10
C LEU E 176 70.69 56.12 -79.54
N LYS E 177 70.15 56.89 -80.48
CA LYS E 177 70.42 56.67 -81.89
C LYS E 177 70.94 57.98 -82.49
N LYS E 178 71.57 58.80 -81.65
CA LYS E 178 72.11 60.09 -82.06
C LYS E 178 73.40 59.94 -82.91
N GLY E 179 73.80 58.70 -83.25
CA GLY E 179 74.98 58.49 -84.07
C GLY E 179 75.16 57.04 -84.53
N LYS E 180 76.37 56.72 -85.00
CA LYS E 180 76.73 55.33 -85.24
C LYS E 180 77.06 54.63 -83.91
N TYR E 181 77.56 55.41 -82.94
CA TYR E 181 77.99 54.91 -81.65
C TYR E 181 77.39 55.80 -80.56
N ASN E 182 76.90 55.14 -79.50
CA ASN E 182 76.02 55.70 -78.48
C ASN E 182 76.32 55.04 -77.13
N LEU E 183 77.15 55.68 -76.31
CA LEU E 183 77.77 55.05 -75.16
C LEU E 183 77.39 55.79 -73.88
N LEU E 184 77.35 55.06 -72.76
CA LEU E 184 77.10 55.64 -71.45
C LEU E 184 78.45 55.89 -70.76
N SER E 185 78.49 56.95 -69.96
CA SER E 185 79.66 57.29 -69.18
C SER E 185 79.22 57.77 -67.81
N GLY E 186 80.11 57.57 -66.84
CA GLY E 186 79.76 57.63 -65.45
C GLY E 186 79.86 59.04 -64.89
N GLN E 187 78.91 59.33 -63.99
CA GLN E 187 79.06 60.16 -62.81
C GLN E 187 78.87 61.62 -63.19
N SER E 188 77.76 61.84 -63.91
CA SER E 188 77.28 63.16 -64.25
C SER E 188 75.98 62.99 -65.03
N SER E 189 75.31 64.11 -65.29
CA SER E 189 74.26 64.15 -66.27
C SER E 189 74.74 64.97 -67.46
N GLY E 190 73.98 64.92 -68.56
CA GLY E 190 74.28 65.66 -69.77
C GLY E 190 74.80 64.78 -70.90
N THR E 191 75.18 65.43 -72.01
CA THR E 191 75.62 64.79 -73.22
C THR E 191 77.01 65.35 -73.57
N ASP E 192 77.74 64.59 -74.39
CA ASP E 192 78.93 65.10 -75.06
C ASP E 192 79.15 64.24 -76.30
N THR E 193 80.13 64.64 -77.13
CA THR E 193 80.64 63.76 -78.17
C THR E 193 82.16 63.78 -78.11
N PHE E 194 82.78 62.84 -78.84
CA PHE E 194 84.21 62.84 -79.09
C PHE E 194 84.44 62.04 -80.37
N TRP E 195 85.64 62.15 -80.92
CA TRP E 195 85.91 61.57 -82.23
C TRP E 195 87.03 60.54 -82.13
N ALA E 196 86.93 59.53 -83.00
CA ALA E 196 87.96 58.51 -83.10
C ALA E 196 88.14 58.09 -84.55
N ASP E 197 88.97 57.05 -84.76
CA ASP E 197 89.13 56.31 -86.00
C ASP E 197 89.95 57.15 -87.00
N ASN E 200 92.12 53.76 -88.46
CA ASN E 200 93.48 54.32 -88.23
C ASN E 200 93.72 54.65 -86.77
N GLY E 201 94.60 53.82 -86.18
CA GLY E 201 95.26 54.09 -84.92
C GLY E 201 96.07 52.85 -84.56
N ASP E 202 96.53 52.76 -83.31
CA ASP E 202 97.25 51.58 -82.81
C ASP E 202 96.35 50.68 -81.95
N THR E 203 95.16 51.16 -81.54
CA THR E 203 94.33 50.43 -80.58
C THR E 203 92.89 50.26 -81.09
N GLU E 204 92.52 48.99 -81.29
CA GLU E 204 91.18 48.66 -81.73
C GLU E 204 90.21 48.59 -80.54
N ILE E 205 89.08 49.29 -80.66
CA ILE E 205 88.00 49.22 -79.69
C ILE E 205 86.85 48.39 -80.28
N ASN E 206 86.49 47.26 -79.65
CA ASN E 206 85.31 46.50 -80.09
C ASN E 206 84.01 47.04 -79.48
N VAL E 207 82.92 46.95 -80.26
CA VAL E 207 81.60 47.39 -79.85
C VAL E 207 80.54 46.33 -80.12
N LEU E 208 79.68 46.08 -79.13
CA LEU E 208 78.50 45.25 -79.28
CA LEU E 208 78.49 45.24 -79.27
C LEU E 208 77.28 46.16 -79.16
N PHE E 209 76.43 46.15 -80.20
CA PHE E 209 75.21 46.96 -80.23
C PHE E 209 74.10 46.24 -79.46
N VAL E 210 73.35 47.06 -78.70
CA VAL E 210 72.28 46.63 -77.81
C VAL E 210 71.12 47.63 -77.93
N TYR E 211 69.97 47.28 -77.35
CA TYR E 211 68.88 48.24 -77.26
C TYR E 211 68.61 48.56 -75.81
N TYR E 212 68.84 49.81 -75.44
CA TYR E 212 68.62 50.25 -74.08
C TYR E 212 67.17 50.62 -73.83
N MET E 213 66.59 50.06 -72.77
CA MET E 213 65.31 50.52 -72.27
C MET E 213 65.52 51.28 -70.98
N ILE E 214 64.50 52.05 -70.56
CA ILE E 214 64.62 52.92 -69.41
C ILE E 214 63.35 52.81 -68.57
N LYS E 215 63.53 52.85 -67.25
CA LYS E 215 62.43 52.71 -66.33
C LYS E 215 61.78 54.08 -66.13
N VAL E 216 60.54 54.21 -66.62
CA VAL E 216 59.85 55.49 -66.66
C VAL E 216 59.03 55.71 -65.40
N VAL E 217 58.54 54.62 -64.81
CA VAL E 217 57.78 54.65 -63.58
C VAL E 217 58.71 54.47 -62.37
N ARG F 18 -11.53 2.39 21.74
CA ARG F 18 -12.41 2.95 20.69
C ARG F 18 -13.84 2.45 20.91
N ALA F 19 -14.79 3.39 20.89
CA ALA F 19 -16.21 3.09 20.96
C ALA F 19 -16.74 2.73 19.57
N VAL F 20 -17.49 1.62 19.48
CA VAL F 20 -17.80 0.96 18.20
C VAL F 20 -18.71 1.83 17.32
N GLY F 21 -19.50 2.72 17.95
CA GLY F 21 -20.38 3.63 17.23
C GLY F 21 -19.62 4.61 16.35
N GLU F 22 -18.36 4.91 16.71
CA GLU F 22 -17.51 5.83 15.96
CA GLU F 22 -17.53 5.84 15.94
C GLU F 22 -17.20 5.25 14.57
N ILE F 23 -17.09 3.91 14.48
CA ILE F 23 -16.53 3.21 13.33
C ILE F 23 -17.47 3.21 12.13
N PRO F 24 -16.99 3.54 10.92
CA PRO F 24 -17.88 3.58 9.75
C PRO F 24 -18.45 2.22 9.33
N SER F 25 -19.48 2.27 8.48
CA SER F 25 -20.04 1.08 7.92
C SER F 25 -18.98 0.31 7.13
N ALA F 26 -19.21 -1.00 7.00
CA ALA F 26 -18.42 -1.83 6.13
C ALA F 26 -18.38 -1.26 4.71
N ASP F 27 -19.52 -0.77 4.21
CA ASP F 27 -19.61 -0.25 2.85
C ASP F 27 -18.90 1.11 2.70
N ASN F 28 -18.89 1.93 3.75
CA ASN F 28 -18.12 3.16 3.70
C ASN F 28 -16.62 2.81 3.63
N LEU F 29 -16.15 1.88 4.46
CA LEU F 29 -14.74 1.55 4.50
C LEU F 29 -14.31 0.98 3.16
N LYS F 30 -15.08 0.03 2.65
CA LYS F 30 -14.84 -0.52 1.33
C LYS F 30 -14.68 0.61 0.32
N ASN F 31 -15.60 1.59 0.35
CA ASN F 31 -15.69 2.60 -0.69
C ASN F 31 -14.48 3.52 -0.69
N ARG F 32 -13.96 3.84 0.49
CA ARG F 32 -12.81 4.69 0.58
C ARG F 32 -11.56 4.00 0.04
N PHE F 33 -11.48 2.67 0.17
CA PHE F 33 -10.37 1.90 -0.36
C PHE F 33 -10.48 1.89 -1.88
N LYS F 34 -11.67 1.60 -2.38
CA LYS F 34 -11.90 1.44 -3.80
C LYS F 34 -11.65 2.75 -4.52
N ALA F 35 -12.08 3.86 -3.91
CA ALA F 35 -12.02 5.17 -4.55
C ALA F 35 -10.57 5.57 -4.85
N ARG F 36 -9.59 4.96 -4.15
CA ARG F 36 -8.19 5.28 -4.29
C ARG F 36 -7.53 4.47 -5.41
N SER F 37 -8.21 3.47 -5.98
CA SER F 37 -7.62 2.55 -6.93
C SER F 37 -7.23 3.24 -8.24
N ILE F 38 -8.20 3.87 -8.90
CA ILE F 38 -7.95 4.59 -10.14
C ILE F 38 -6.97 5.73 -9.90
N PRO F 39 -7.17 6.68 -8.95
CA PRO F 39 -6.14 7.66 -8.64
C PRO F 39 -4.74 7.08 -8.52
N LEU F 40 -4.57 6.02 -7.72
CA LEU F 40 -3.25 5.42 -7.55
C LEU F 40 -2.69 4.89 -8.88
N GLU F 41 -3.57 4.37 -9.76
CA GLU F 41 -3.12 3.88 -11.06
C GLU F 41 -2.61 5.03 -11.92
N THR F 42 -3.34 6.15 -11.89
CA THR F 42 -2.96 7.32 -12.65
C THR F 42 -1.61 7.78 -12.15
N ASP F 43 -1.45 7.88 -10.83
CA ASP F 43 -0.19 8.34 -10.26
C ASP F 43 0.97 7.46 -10.72
N PHE F 44 0.80 6.14 -10.70
CA PHE F 44 1.91 5.25 -11.00
C PHE F 44 2.22 5.26 -12.51
N THR F 45 1.18 5.43 -13.31
CA THR F 45 1.27 5.59 -14.75
C THR F 45 2.12 6.82 -15.10
N ASN F 46 1.80 7.94 -14.45
CA ASN F 46 2.49 9.19 -14.70
C ASN F 46 3.91 9.14 -14.14
N LEU F 47 4.13 8.43 -13.04
CA LEU F 47 5.48 8.41 -12.50
C LEU F 47 6.37 7.55 -13.38
N ILE F 48 5.81 6.50 -14.00
CA ILE F 48 6.63 5.61 -14.80
C ILE F 48 7.04 6.33 -16.09
N ASP F 49 6.10 7.02 -16.72
CA ASP F 49 6.35 7.78 -17.93
C ASP F 49 7.33 8.93 -17.66
N LEU F 50 7.26 9.54 -16.46
CA LEU F 50 8.19 10.60 -16.09
C LEU F 50 9.59 10.01 -16.06
N ALA F 51 9.76 8.88 -15.37
CA ALA F 51 11.08 8.31 -15.22
C ALA F 51 11.62 7.75 -16.55
N GLU F 52 10.72 7.54 -17.52
CA GLU F 52 11.06 7.02 -18.84
C GLU F 52 11.76 8.10 -19.67
N VAL F 53 11.53 9.38 -19.35
CA VAL F 53 11.99 10.48 -20.17
C VAL F 53 13.51 10.40 -20.31
N GLY F 54 14.19 10.10 -19.18
CA GLY F 54 15.64 10.07 -19.14
C GLY F 54 16.22 8.95 -20.01
N ARG F 55 15.49 7.83 -20.15
CA ARG F 55 15.94 6.70 -20.95
C ARG F 55 15.64 6.97 -22.42
N LEU F 56 14.52 7.64 -22.69
CA LEU F 56 14.24 8.10 -24.04
C LEU F 56 15.36 9.04 -24.50
N ALA F 57 15.86 9.88 -23.59
CA ALA F 57 16.77 10.95 -23.94
C ALA F 57 18.13 10.40 -24.34
N ILE F 58 18.58 9.32 -23.69
CA ILE F 58 19.87 8.71 -24.01
C ILE F 58 19.74 7.62 -25.07
N GLY F 59 18.53 7.46 -25.62
CA GLY F 59 18.25 6.49 -26.67
C GLY F 59 18.47 5.04 -26.24
N GLN F 60 17.94 4.64 -25.09
CA GLN F 60 18.05 3.27 -24.60
C GLN F 60 16.67 2.70 -24.26
N SER F 61 15.62 3.31 -24.81
CA SER F 61 14.26 2.88 -24.52
C SER F 61 13.82 1.75 -25.45
N PRO F 62 13.35 0.61 -24.90
CA PRO F 62 12.70 -0.45 -25.67
C PRO F 62 11.72 0.02 -26.72
N SER F 63 11.21 1.25 -26.58
CA SER F 63 10.21 1.76 -27.49
C SER F 63 10.84 2.47 -28.69
N GLN F 64 12.17 2.51 -28.76
CA GLN F 64 12.83 3.27 -29.83
C GLN F 64 13.37 2.33 -30.90
N GLN F 65 13.28 2.73 -32.19
CA GLN F 65 13.76 1.91 -33.31
C GLN F 65 15.20 1.51 -33.05
N SER F 66 16.00 2.52 -32.67
CA SER F 66 17.44 2.39 -32.58
C SER F 66 17.91 2.80 -31.18
N LYS F 67 18.57 1.84 -30.49
CA LYS F 67 19.09 1.96 -29.15
C LYS F 67 20.47 2.61 -29.18
N THR F 68 20.51 3.84 -29.71
CA THR F 68 21.75 4.59 -29.81
C THR F 68 21.48 6.04 -29.43
N PRO F 69 22.46 6.75 -28.85
CA PRO F 69 22.34 8.20 -28.65
C PRO F 69 22.05 8.93 -29.95
N GLY F 70 21.45 10.12 -29.82
CA GLY F 70 21.18 11.00 -30.96
C GLY F 70 22.46 11.59 -31.57
N THR F 71 22.27 12.32 -32.67
CA THR F 71 23.37 12.86 -33.45
C THR F 71 24.36 13.61 -32.55
N GLY F 72 25.59 13.14 -32.49
CA GLY F 72 26.69 13.90 -31.91
C GLY F 72 27.00 13.52 -30.47
N MET F 73 26.22 12.58 -29.94
CA MET F 73 26.26 12.25 -28.52
C MET F 73 26.80 10.84 -28.34
N GLU F 74 27.43 10.60 -27.19
CA GLU F 74 27.71 9.25 -26.77
C GLU F 74 27.52 9.05 -25.26
N LEU F 75 27.39 7.78 -24.87
CA LEU F 75 27.29 7.37 -23.48
C LEU F 75 28.67 7.00 -22.93
N THR F 76 29.02 7.49 -21.73
CA THR F 76 30.16 6.96 -21.00
C THR F 76 29.78 5.60 -20.42
N SER F 77 30.75 4.94 -19.78
CA SER F 77 30.56 3.62 -19.22
C SER F 77 29.79 3.71 -17.91
N ASP F 78 29.81 4.91 -17.30
CA ASP F 78 29.05 5.16 -16.08
C ASP F 78 27.82 6.04 -16.35
N GLY F 79 27.40 6.10 -17.63
CA GLY F 79 26.04 6.49 -17.95
C GLY F 79 25.85 7.97 -18.31
N LYS F 80 26.93 8.75 -18.40
CA LYS F 80 26.84 10.17 -18.77
C LYS F 80 26.58 10.34 -20.25
N LEU F 81 25.65 11.27 -20.56
CA LEU F 81 25.40 11.65 -21.94
C LEU F 81 26.32 12.83 -22.24
N GLN F 82 27.03 12.74 -23.37
CA GLN F 82 28.04 13.74 -23.70
C GLN F 82 28.29 13.84 -25.19
N VAL F 83 28.91 14.97 -25.52
CA VAL F 83 29.29 15.29 -26.89
C VAL F 83 30.36 14.30 -27.35
N LYS F 84 30.20 13.78 -28.58
CA LYS F 84 31.22 12.94 -29.23
C LYS F 84 32.12 13.76 -30.18
N ALA F 85 33.33 14.14 -29.73
CA ALA F 85 34.18 15.07 -30.49
C ALA F 85 34.89 14.38 -31.64
N GLY F 86 34.74 14.93 -32.86
CA GLY F 86 35.44 14.45 -34.02
C GLY F 86 36.57 15.38 -34.47
N ALA F 87 36.89 15.30 -35.76
CA ALA F 87 38.05 15.97 -36.33
C ALA F 87 37.85 17.48 -36.29
N GLY F 88 38.82 18.18 -35.68
CA GLY F 88 38.79 19.63 -35.56
C GLY F 88 38.21 20.08 -34.23
N VAL F 89 37.60 19.13 -33.50
CA VAL F 89 36.91 19.46 -32.28
C VAL F 89 37.71 18.95 -31.10
N ASP F 90 37.83 19.78 -30.07
CA ASP F 90 38.58 19.45 -28.87
C ASP F 90 37.76 19.87 -27.64
N ILE F 91 38.12 19.28 -26.50
CA ILE F 91 37.54 19.60 -25.20
C ILE F 91 38.64 20.22 -24.37
N ASP F 92 38.44 21.45 -23.88
CA ASP F 92 39.47 22.15 -23.10
C ASP F 92 39.48 21.66 -21.65
N ASN F 93 40.13 22.44 -20.77
CA ASN F 93 40.39 22.02 -19.40
C ASN F 93 39.18 22.31 -18.50
N ASN F 94 38.28 23.21 -18.94
CA ASN F 94 37.04 23.51 -18.22
C ASN F 94 35.86 22.82 -18.88
N ASN F 95 36.18 21.82 -19.70
CA ASN F 95 35.22 20.87 -20.21
C ASN F 95 34.42 21.47 -21.36
N ARG F 96 34.96 22.49 -22.04
CA ARG F 96 34.25 23.18 -23.10
C ARG F 96 34.63 22.58 -24.46
N ILE F 97 33.68 22.64 -25.39
CA ILE F 97 33.89 22.21 -26.76
C ILE F 97 34.56 23.38 -27.49
N THR F 98 35.79 23.16 -27.94
CA THR F 98 36.56 24.18 -28.61
C THR F 98 37.13 23.61 -29.93
N ILE F 99 37.80 24.46 -30.70
CA ILE F 99 38.40 24.04 -31.94
C ILE F 99 39.85 23.63 -31.68
N LYS F 100 40.27 22.51 -32.28
CA LYS F 100 41.69 22.14 -32.32
C LYS F 100 42.37 22.79 -33.53
N SER F 101 43.33 23.67 -33.27
CA SER F 101 44.05 24.37 -34.31
C SER F 101 45.35 23.65 -34.68
N GLY F 102 45.45 23.18 -35.94
CA GLY F 102 46.71 22.81 -36.58
C GLY F 102 47.50 24.03 -37.07
N HIS F 103 48.43 23.81 -38.00
CA HIS F 103 49.32 24.87 -38.49
C HIS F 103 48.56 25.84 -39.40
N GLY F 104 48.73 27.13 -39.14
CA GLY F 104 48.02 28.15 -39.93
C GLY F 104 46.88 28.81 -39.16
N ILE F 105 46.44 28.16 -38.09
CA ILE F 105 45.21 28.53 -37.41
C ILE F 105 45.54 28.94 -35.97
N LYS F 106 44.95 30.07 -35.55
CA LYS F 106 44.89 30.58 -34.19
C LYS F 106 43.44 30.47 -33.70
N VAL F 107 43.23 29.95 -32.49
CA VAL F 107 41.90 29.88 -31.89
C VAL F 107 41.93 30.61 -30.55
N ASP F 108 41.14 31.68 -30.44
CA ASP F 108 41.07 32.41 -29.18
C ASP F 108 39.72 33.11 -29.10
N GLY F 109 39.63 34.10 -28.18
CA GLY F 109 38.43 34.87 -27.95
C GLY F 109 37.79 35.46 -29.21
N ASN F 110 38.60 35.75 -30.25
CA ASN F 110 38.05 36.35 -31.44
C ASN F 110 37.52 35.29 -32.40
N GLY F 111 37.93 34.03 -32.18
CA GLY F 111 37.39 32.91 -32.94
C GLY F 111 38.49 32.12 -33.63
N ILE F 112 38.13 31.49 -34.75
CA ILE F 112 39.09 30.86 -35.64
C ILE F 112 39.66 31.94 -36.54
N SER F 113 40.96 32.19 -36.45
CA SER F 113 41.65 33.11 -37.35
C SER F 113 42.82 32.44 -38.05
N VAL F 114 43.37 33.13 -39.05
CA VAL F 114 44.58 32.68 -39.71
C VAL F 114 45.74 33.26 -38.93
N LYS F 115 46.70 32.39 -38.59
CA LYS F 115 47.93 32.81 -37.92
C LYS F 115 48.95 33.32 -38.95
N PRO F 116 49.33 34.63 -38.92
CA PRO F 116 50.24 35.18 -39.94
C PRO F 116 51.71 34.85 -39.69
N GLY F 117 52.37 34.22 -40.69
CA GLY F 117 53.80 33.91 -40.62
C GLY F 117 54.65 34.86 -41.46
N SER F 118 55.79 34.36 -41.99
CA SER F 118 56.65 35.22 -42.79
C SER F 118 55.96 35.66 -44.08
N GLY F 119 55.86 36.98 -44.29
CA GLY F 119 55.39 37.51 -45.55
C GLY F 119 53.87 37.66 -45.62
N ILE F 120 53.21 37.49 -44.46
CA ILE F 120 51.76 37.47 -44.39
C ILE F 120 51.28 38.43 -43.31
N LYS F 121 50.24 39.18 -43.63
CA LYS F 121 49.57 40.06 -42.69
C LYS F 121 48.06 39.77 -42.80
N VAL F 122 47.42 39.63 -41.63
CA VAL F 122 46.06 39.12 -41.52
C VAL F 122 45.21 40.19 -40.84
N ASP F 123 44.13 40.60 -41.52
CA ASP F 123 43.35 41.74 -41.09
C ASP F 123 41.91 41.50 -41.54
N SER F 124 41.09 42.56 -41.52
CA SER F 124 39.67 42.43 -41.73
C SER F 124 39.35 42.31 -43.21
N ASN F 125 40.35 42.41 -44.09
CA ASN F 125 40.17 42.16 -45.52
C ASN F 125 40.57 40.74 -45.91
N GLY F 126 41.32 40.05 -45.04
CA GLY F 126 41.63 38.65 -45.27
C GLY F 126 43.10 38.34 -45.00
N VAL F 127 43.61 37.33 -45.70
CA VAL F 127 45.02 37.02 -45.68
C VAL F 127 45.70 37.83 -46.79
N ASN F 128 46.68 38.65 -46.41
CA ASN F 128 47.35 39.54 -47.36
C ASN F 128 48.84 39.22 -47.34
N VAL F 129 49.47 39.50 -48.49
CA VAL F 129 50.90 39.33 -48.63
C VAL F 129 51.55 40.60 -48.12
N ASN F 130 52.62 40.47 -47.33
CA ASN F 130 53.44 41.60 -46.93
C ASN F 130 54.86 41.44 -47.48
N ILE F 131 55.25 42.30 -48.42
CA ILE F 131 56.50 42.07 -49.16
C ILE F 131 57.75 42.36 -48.32
N ASP F 132 57.67 43.29 -47.37
CA ASP F 132 58.82 43.68 -46.57
C ASP F 132 59.56 42.47 -46.01
N ASP F 133 58.91 41.31 -45.86
CA ASP F 133 59.62 40.20 -45.25
C ASP F 133 60.50 39.47 -46.27
N PHE F 134 60.26 39.62 -47.58
CA PHE F 134 60.93 38.72 -48.50
C PHE F 134 61.43 39.42 -49.77
N TRP F 135 61.12 40.69 -50.01
CA TRP F 135 61.48 41.28 -51.28
C TRP F 135 63.00 41.29 -51.47
N GLU F 136 63.75 41.53 -50.38
CA GLU F 136 65.20 41.57 -50.45
C GLU F 136 65.75 40.22 -50.89
N GLU F 137 65.14 39.11 -50.46
CA GLU F 137 65.65 37.82 -50.87
C GLU F 137 65.37 37.62 -52.37
N ILE F 138 64.29 38.22 -52.90
CA ILE F 138 64.03 38.12 -54.33
C ILE F 138 65.04 38.95 -55.12
N ARG F 139 65.36 40.14 -54.63
CA ARG F 139 66.37 41.00 -55.24
C ARG F 139 67.66 40.21 -55.42
N ASN F 140 68.12 39.58 -54.32
CA ASN F 140 69.39 38.90 -54.33
C ASN F 140 69.34 37.65 -55.21
N LYS F 141 68.16 37.14 -55.51
CA LYS F 141 68.11 35.98 -56.40
C LYS F 141 68.27 36.45 -57.85
N ILE F 142 68.02 37.73 -58.07
CA ILE F 142 68.00 38.29 -59.39
C ILE F 142 69.30 39.03 -59.68
N MET F 143 69.84 39.77 -58.72
CA MET F 143 71.03 40.58 -58.97
C MET F 143 72.09 40.38 -57.90
N PRO F 144 73.28 39.86 -58.28
CA PRO F 144 74.33 39.58 -57.33
C PRO F 144 75.02 40.83 -56.84
N LYS F 145 75.80 40.65 -55.77
CA LYS F 145 76.66 41.66 -55.20
C LYS F 145 77.65 42.08 -56.27
N GLY F 146 77.77 43.39 -56.49
CA GLY F 146 78.71 43.93 -57.45
C GLY F 146 78.08 44.24 -58.81
N THR F 147 76.79 43.93 -58.95
CA THR F 147 76.04 44.40 -60.11
C THR F 147 76.13 45.93 -60.14
N MET F 148 76.24 46.46 -61.36
CA MET F 148 76.21 47.90 -61.57
C MET F 148 75.08 48.29 -62.49
N LEU F 149 74.33 49.33 -62.11
CA LEU F 149 73.26 49.84 -62.98
C LEU F 149 73.46 51.33 -63.24
N PRO F 150 73.26 51.77 -64.48
CA PRO F 150 73.31 53.18 -64.79
C PRO F 150 71.94 53.81 -64.57
N ILE F 151 71.94 54.96 -63.87
CA ILE F 151 70.73 55.73 -63.64
C ILE F 151 70.85 57.05 -64.39
N TYR F 152 69.95 57.22 -65.36
CA TYR F 152 69.69 58.50 -65.99
C TYR F 152 68.97 59.45 -65.03
N GLY F 153 69.63 60.54 -64.65
CA GLY F 153 68.98 61.63 -63.93
C GLY F 153 68.76 62.84 -64.83
N THR F 154 67.51 63.08 -65.23
CA THR F 154 67.22 64.26 -66.04
C THR F 154 67.67 65.47 -65.23
N PRO F 155 67.27 65.59 -63.94
CA PRO F 155 67.86 66.58 -63.04
C PRO F 155 69.05 65.92 -62.34
N ASN F 156 68.96 65.74 -61.02
CA ASN F 156 69.75 64.76 -60.31
C ASN F 156 69.22 63.39 -60.71
N PRO F 157 69.77 62.26 -60.20
CA PRO F 157 69.15 60.96 -60.43
C PRO F 157 67.89 60.80 -59.61
N SER F 158 67.27 59.61 -59.67
CA SER F 158 66.40 59.14 -58.60
C SER F 158 67.25 58.71 -57.40
N ALA F 159 66.61 58.37 -56.29
CA ALA F 159 67.33 58.05 -55.05
C ALA F 159 67.85 56.62 -55.11
N LEU F 160 68.77 56.31 -54.19
CA LEU F 160 69.38 54.98 -54.06
C LEU F 160 68.38 54.00 -53.45
N PRO F 161 68.21 52.79 -54.04
CA PRO F 161 67.53 51.70 -53.35
C PRO F 161 68.39 51.12 -52.23
N THR F 162 67.74 50.44 -51.28
CA THR F 162 68.43 49.76 -50.19
C THR F 162 69.35 48.68 -50.76
N GLY F 163 70.56 48.61 -50.19
CA GLY F 163 71.59 47.65 -50.58
C GLY F 163 72.55 48.16 -51.67
N TRP F 164 72.32 49.39 -52.16
CA TRP F 164 73.12 49.94 -53.24
C TRP F 164 73.95 51.11 -52.74
N GLU F 165 74.88 51.57 -53.58
CA GLU F 165 75.66 52.79 -53.31
C GLU F 165 76.19 53.35 -54.63
N TRP F 166 76.45 54.65 -54.66
CA TRP F 166 77.03 55.28 -55.83
C TRP F 166 78.49 54.86 -56.00
N CYS F 167 78.88 54.69 -57.27
CA CYS F 167 80.27 54.41 -57.66
C CYS F 167 81.08 55.71 -57.62
N ASP F 168 81.54 56.06 -56.39
CA ASP F 168 82.26 57.28 -56.09
C ASP F 168 83.68 56.99 -55.59
N GLY F 169 84.14 55.74 -55.70
CA GLY F 169 85.55 55.45 -55.47
C GLY F 169 85.88 55.24 -54.00
N LYS F 170 84.90 55.46 -53.13
CA LYS F 170 85.09 55.36 -51.70
C LYS F 170 84.75 53.94 -51.24
N ASP F 171 85.39 53.50 -50.15
CA ASP F 171 85.12 52.22 -49.50
C ASP F 171 85.09 51.11 -50.56
N GLY F 172 86.18 50.96 -51.32
CA GLY F 172 86.35 49.83 -52.23
C GLY F 172 85.39 49.84 -53.43
N ARG F 173 84.57 50.91 -53.59
CA ARG F 173 83.66 51.00 -54.71
C ARG F 173 84.41 51.57 -55.91
N PRO F 174 84.00 51.23 -57.16
CA PRO F 174 84.75 51.64 -58.33
C PRO F 174 84.57 53.14 -58.54
N ASN F 175 85.63 53.78 -59.05
CA ASN F 175 85.61 55.21 -59.24
C ASN F 175 85.31 55.46 -60.71
N LEU F 176 84.09 55.98 -60.94
CA LEU F 176 83.54 56.17 -62.27
C LEU F 176 83.57 57.64 -62.61
N LYS F 177 84.36 58.39 -61.82
CA LYS F 177 84.64 59.78 -62.14
C LYS F 177 86.16 60.01 -62.07
N LYS F 178 86.93 59.08 -62.61
CA LYS F 178 88.39 59.16 -62.57
C LYS F 178 88.86 60.19 -63.59
N GLY F 179 88.01 60.43 -64.61
CA GLY F 179 88.28 61.38 -65.68
C GLY F 179 86.98 62.03 -66.16
N LYS F 180 86.99 62.48 -67.41
CA LYS F 180 85.86 63.14 -68.03
C LYS F 180 84.91 62.11 -68.63
N TYR F 181 85.50 61.01 -69.14
CA TYR F 181 84.80 59.92 -69.79
C TYR F 181 85.14 58.61 -69.09
N ASN F 182 84.09 57.90 -68.63
CA ASN F 182 84.26 56.75 -67.76
C ASN F 182 83.35 55.64 -68.24
N LEU F 183 83.94 54.67 -68.96
CA LEU F 183 83.19 53.68 -69.69
C LEU F 183 83.42 52.33 -69.02
N LEU F 184 82.43 51.44 -69.16
CA LEU F 184 82.57 50.05 -68.78
C LEU F 184 83.00 49.24 -69.99
N SER F 185 83.85 48.25 -69.77
CA SER F 185 84.22 47.32 -70.83
C SER F 185 84.19 45.88 -70.35
N GLY F 186 83.75 45.05 -71.26
CA GLY F 186 83.82 43.62 -71.07
C GLY F 186 85.27 43.13 -71.12
N GLN F 187 85.57 42.46 -70.02
CA GLN F 187 85.31 41.07 -69.68
C GLN F 187 86.45 40.61 -68.79
N SER F 188 86.66 41.41 -67.74
CA SER F 188 87.81 41.23 -66.88
C SER F 188 87.63 42.08 -65.64
N SER F 189 88.76 42.31 -64.97
CA SER F 189 88.85 43.22 -63.85
C SER F 189 89.92 44.26 -64.18
N GLY F 190 89.85 45.38 -63.49
CA GLY F 190 90.87 46.40 -63.56
C GLY F 190 90.37 47.64 -64.24
N THR F 191 91.32 48.56 -64.51
CA THR F 191 91.09 49.78 -65.26
C THR F 191 92.18 49.93 -66.33
N ASP F 192 91.99 50.93 -67.19
CA ASP F 192 92.93 51.29 -68.23
C ASP F 192 92.45 52.62 -68.83
N THR F 193 93.24 53.13 -69.77
CA THR F 193 92.85 54.32 -70.53
C THR F 193 93.25 54.10 -71.98
N PHE F 194 92.46 54.70 -72.88
CA PHE F 194 92.87 54.86 -74.26
C PHE F 194 92.66 56.34 -74.58
N TRP F 195 93.20 56.77 -75.73
CA TRP F 195 93.13 58.15 -76.14
C TRP F 195 92.42 58.24 -77.49
N ALA F 196 91.36 59.06 -77.54
CA ALA F 196 90.68 59.33 -78.78
C ALA F 196 91.32 60.55 -79.46
N ASP F 197 91.32 60.53 -80.81
CA ASP F 197 91.90 61.59 -81.62
C ASP F 197 90.81 62.56 -82.08
N ASN F 198 90.43 63.51 -81.20
CA ASN F 198 89.47 64.54 -81.55
C ASN F 198 90.00 65.39 -82.70
N LYS F 199 91.28 65.81 -82.60
CA LYS F 199 91.98 66.53 -83.64
C LYS F 199 91.48 66.08 -85.01
N ASN F 200 91.89 64.87 -85.43
CA ASN F 200 91.83 64.50 -86.84
C ASN F 200 91.07 63.19 -87.06
N GLY F 201 90.30 62.74 -86.05
CA GLY F 201 89.50 61.54 -86.16
C GLY F 201 88.23 61.80 -86.97
N ASP F 202 87.76 60.76 -87.65
CA ASP F 202 86.78 60.89 -88.71
C ASP F 202 85.44 60.26 -88.33
N THR F 203 85.21 59.97 -87.04
CA THR F 203 84.06 59.17 -86.60
C THR F 203 83.61 59.65 -85.23
N GLU F 204 82.39 60.22 -85.15
CA GLU F 204 81.91 60.85 -83.93
C GLU F 204 81.30 59.77 -83.02
N ILE F 205 81.57 59.89 -81.72
CA ILE F 205 81.04 59.00 -80.71
C ILE F 205 80.20 59.85 -79.75
N ASN F 206 78.94 59.45 -79.56
CA ASN F 206 78.04 60.13 -78.65
C ASN F 206 78.17 59.54 -77.24
N VAL F 207 78.05 60.39 -76.23
CA VAL F 207 78.18 59.99 -74.85
C VAL F 207 77.04 60.61 -74.03
N LEU F 208 76.20 59.74 -73.46
CA LEU F 208 75.20 60.12 -72.49
CA LEU F 208 75.19 60.11 -72.48
C LEU F 208 75.74 59.84 -71.09
N PHE F 209 75.78 60.86 -70.23
CA PHE F 209 76.32 60.69 -68.89
C PHE F 209 75.25 60.20 -67.95
N VAL F 210 75.64 59.32 -67.01
CA VAL F 210 74.71 58.56 -66.19
C VAL F 210 75.35 58.43 -64.80
N TYR F 211 74.57 58.02 -63.81
CA TYR F 211 75.12 57.74 -62.48
C TYR F 211 75.10 56.25 -62.23
N TYR F 212 76.28 55.65 -62.11
CA TYR F 212 76.38 54.22 -61.89
C TYR F 212 76.27 54.00 -60.39
N MET F 213 75.32 53.14 -59.99
CA MET F 213 75.30 52.60 -58.64
C MET F 213 75.74 51.15 -58.69
N ILE F 214 76.22 50.64 -57.55
CA ILE F 214 76.63 49.26 -57.43
C ILE F 214 75.95 48.64 -56.20
N LYS F 215 75.62 47.34 -56.30
CA LYS F 215 74.94 46.65 -55.22
C LYS F 215 76.00 46.11 -54.27
N VAL F 216 75.97 46.55 -53.00
CA VAL F 216 77.03 46.26 -52.04
C VAL F 216 76.70 45.11 -51.08
N VAL F 217 75.44 44.59 -51.10
CA VAL F 217 75.08 43.37 -50.39
C VAL F 217 74.71 42.26 -51.38
C1 MPD G . 5.38 -1.23 0.98
C2 MPD G . 6.11 -0.64 -0.22
O2 MPD G . 7.29 0.03 0.30
CM MPD G . 5.23 0.37 -0.95
C3 MPD G . 6.55 -1.76 -1.18
C4 MPD G . 7.71 -2.61 -0.71
O4 MPD G . 7.25 -3.59 0.22
C5 MPD G . 8.47 -3.27 -1.83
C1 EDO H . -79.86 -42.57 81.11
O1 EDO H . -79.41 -41.35 80.57
C2 EDO H . -79.12 -43.02 82.34
O2 EDO H . -79.85 -43.97 83.11
C1 MPD I . -81.05 -34.97 62.39
C2 MPD I . -80.23 -34.60 61.17
O2 MPD I . -80.51 -35.53 60.11
CM MPD I . -78.74 -34.68 61.48
C3 MPD I . -80.62 -33.19 60.70
C4 MPD I . -81.25 -32.46 61.85
O4 MPD I . -80.23 -32.29 62.85
C5 MPD I . -81.83 -31.13 61.45
C1 EDO J . 15.98 10.32 3.40
O1 EDO J . 16.15 11.52 2.64
C2 EDO J . 16.34 9.05 2.67
O2 EDO J . 15.33 8.55 1.78
UNK UNX K . -74.74 -49.00 68.26
C1 MPD L . 2.65 8.66 0.54
C2 MPD L . 1.55 7.63 0.77
O2 MPD L . 0.31 8.29 0.47
CM MPD L . 1.46 7.25 2.24
C3 MPD L . 1.72 6.42 -0.15
C4 MPD L . 0.52 6.01 -1.00
O4 MPD L . 0.01 7.11 -1.78
C5 MPD L . 0.84 4.85 -1.91
C1 EDO M . -35.68 -28.82 24.79
O1 EDO M . -36.16 -27.92 23.79
C2 EDO M . -36.50 -30.06 24.93
O2 EDO M . -35.88 -31.00 25.79
C1 MPD N . -69.27 -57.14 55.66
C2 MPD N . -69.93 -58.27 54.89
O2 MPD N . -71.32 -58.20 55.22
CM MPD N . -69.44 -59.65 55.33
C3 MPD N . -69.75 -58.10 53.37
C4 MPD N . -70.47 -59.09 52.49
O4 MPD N . -71.84 -58.70 52.37
C5 MPD N . -69.84 -59.25 51.13
C1 EDO O . -73.01 -63.60 73.74
O1 EDO O . -74.19 -64.05 74.42
C2 EDO O . -72.31 -62.49 74.45
O2 EDO O . -71.25 -61.92 73.71
C1 EDO P . -73.82 -34.92 76.47
O1 EDO P . -72.94 -34.54 77.55
C2 EDO P . -75.13 -35.56 76.85
O2 EDO P . -76.12 -35.52 75.79
C1 MPD Q . -1.73 0.86 -8.86
C2 MPD Q . -1.86 0.09 -7.55
O2 MPD Q . -1.58 -1.29 -7.85
CM MPD Q . -3.29 0.14 -7.02
C3 MPD Q . -0.85 0.56 -6.51
C4 MPD Q . -0.08 -0.57 -5.86
O4 MPD Q . 0.57 -1.31 -6.89
C5 MPD Q . 0.88 -0.14 -4.79
C1 EDO R . -65.67 -59.57 57.62
O1 EDO R . -67.08 -59.50 57.49
C2 EDO R . -65.21 -59.56 59.06
O2 EDO R . -65.86 -58.61 59.92
C1 MPD S . -61.39 -45.27 76.23
C2 MPD S . -60.70 -44.78 77.48
O2 MPD S . -60.90 -45.72 78.53
CM MPD S . -61.23 -43.41 77.89
C3 MPD S . -59.18 -44.74 77.29
C4 MPD S . -58.59 -46.07 77.60
O4 MPD S . -59.43 -47.02 77.01
C5 MPD S . -57.18 -46.20 77.11
C1 MPD T . -0.96 3.69 6.68
C2 MPD T . 0.30 3.45 5.88
O2 MPD T . 1.14 2.54 6.63
CM MPD T . 1.08 4.73 5.67
C3 MPD T . -0.01 2.79 4.54
C4 MPD T . 0.82 1.55 4.35
O4 MPD T . 1.17 1.06 5.65
C5 MPD T . 0.11 0.48 3.58
C1 EDO U . 90.34 42.75 -70.78
O1 EDO U . 91.26 43.75 -71.17
C2 EDO U . 89.33 42.48 -71.83
O2 EDO U . 88.69 41.23 -71.70
C1 EDO V . 2.74 -6.79 0.85
O1 EDO V . 3.17 -6.64 2.20
C2 EDO V . 1.43 -6.13 0.60
O2 EDO V . 0.41 -6.95 -0.01
C1 MPD W . 69.76 32.62 -77.48
C2 MPD W . 70.43 33.34 -76.33
O2 MPD W . 71.75 32.81 -76.09
CM MPD W . 69.64 33.17 -75.05
C3 MPD W . 70.62 34.82 -76.67
C4 MPD W . 69.46 35.60 -76.19
O4 MPD W . 69.56 35.60 -74.76
C5 MPD W . 69.43 37.00 -76.73
UNK UNX X . 76.01 49.48 -69.25
C1 MPD Y . -7.37 -0.96 -2.66
C2 MPD Y . -6.22 -0.11 -3.20
O2 MPD Y . -6.69 1.24 -3.27
CM MPD Y . -5.89 -0.50 -4.62
C3 MPD Y . -5.01 -0.19 -2.26
C4 MPD Y . -4.72 1.00 -1.32
O4 MPD Y . -5.91 1.52 -0.66
C5 MPD Y . -3.65 0.70 -0.29
C1 MPD Z . 62.48 58.07 -67.12
C2 MPD Z . 62.40 59.56 -67.30
O2 MPD Z . 61.17 59.81 -67.99
CM MPD Z . 63.49 60.06 -68.23
C3 MPD Z . 62.42 60.28 -65.95
C4 MPD Z . 63.80 60.26 -65.31
O4 MPD Z . 64.46 61.46 -65.69
C5 MPD Z . 63.93 60.14 -63.82
C1 MPD AA . 81.54 43.38 -54.17
C2 MPD AA . 82.99 43.75 -53.91
O2 MPD AA . 83.62 43.75 -55.21
CM MPD AA . 83.68 42.69 -53.06
C3 MPD AA . 83.11 45.14 -53.27
C4 MPD AA . 82.11 46.11 -53.87
O4 MPD AA . 80.89 46.06 -53.16
C5 MPD AA . 82.59 47.53 -53.91
#